data_9MXC
#
_entry.id   9MXC
#
loop_
_entity.id
_entity.type
_entity.pdbx_description
1 polymer 'viral protein 1'
2 polymer 'viral protein 2'
3 polymer 'viral protein 3'
4 polymer 'viral protein 4'
5 polymer 'Major facilitator superfamily domain-containing protein 6'
6 branched alpha-D-mannopyranose-(1-3)-[alpha-D-mannopyranose-(1-6)]beta-D-mannopyranose-(1-4)-2-acetamido-2-deoxy-beta-D-glucopyranose-(1-4)-[alpha-L-fucopyranose-(1-6)]2-acetamido-2-deoxy-beta-D-glucopyranose
7 non-polymer 'SODIUM ION'
8 water water
#
loop_
_entity_poly.entity_id
_entity_poly.type
_entity_poly.pdbx_seq_one_letter_code
_entity_poly.pdbx_strand_id
1 'polypeptide(L)'
;IESIIKTATDTVKSEINAELGVVPSLNAVETGATSNTEPEEAIQTRTVINQHGVSETLVENFLSRAALVSKRSFEYKDHT
SSAAQTDKNFFKWTINTRSFVQLRRKLELFTYLRFDAEITILTTVAVNGSSNNTYVGLPDLTLQAMFVPTGALTPEKQDS
FHWQSGSNASVFFKISDPPARMTIPFMCINSAYSVFYDGFAGFEKSGLYGINPADTIGNLCVRIVNEHQPVGFTVTVRVY
MKPKHIKAWAPRPPRTLPYMSIANANYKGKGRAPNALNAIIGNRDSVKTMPHNIVTT
;
A
2 'polypeptide(L)'
;RVLQLKLGNSAIVTQEAANYCCAYGEWPNYLPDHEAVAIDKPTQPETATDRFYTLRSVKWEAGSTGWWWKLPDALNNIGM
FGQNVQHHYLYRSGFLIHVQCNATKFHQGALLVVAIPEHQRGAHNTNTSPGFDDIMKGEEGGTFNHPYVLDDGTSLACAT
IFPHQWINLRTNNSATIVLPWMNAAPMDFPLRHNQWTLAIIPVVPLGTRTMSSMVPITVSIAPMCCEFNGLRHAITQ
;
B
3 'polypeptide(L)'
;GVPTYLLPGSGQFLTTDDHSSAPVLPCFNPTPEMHIPGQVRNMLEVVQVESMMEINNTESAVGMERLKVDISALTDVDQL
LFNIPLDIQLDGPLRNTLVGNISRYYTHWSGSLEMTFMFCGSFMATGKLILCYTPPGGSCPTTRETAMLGTHVVWDFGLQ
SSVTLIIPWISGSHYRMFNNDAKSTNANVGYVTCFMQTNLIVPSESSDTCSLIGFIAAKDDFSLRLMRDSPDIGQLDHLH
AAEAAYQ
;
C
4 'polypeptide(L)' QINFYKDSYAASASKQDFSQDPSKFTEPVV D
5 'polypeptide(L)' NLLETRLNV E
#
loop_
_chem_comp.id
_chem_comp.type
_chem_comp.name
_chem_comp.formula
BMA D-saccharide, beta linking beta-D-mannopyranose 'C6 H12 O6'
FUC L-saccharide, alpha linking alpha-L-fucopyranose 'C6 H12 O5'
MAN D-saccharide, alpha linking alpha-D-mannopyranose 'C6 H12 O6'
NA non-polymer 'SODIUM ION' 'Na 1'
NAG D-saccharide, beta linking 2-acetamido-2-deoxy-beta-D-glucopyranose 'C8 H15 N O6'
#
# COMPACT_ATOMS: atom_id res chain seq x y z
N ILE A 1 -6.09 21.38 2.41
CA ILE A 1 -7.03 22.22 1.62
C ILE A 1 -7.13 21.69 0.19
N GLU A 2 -8.34 21.32 -0.22
CA GLU A 2 -8.63 20.76 -1.54
C GLU A 2 -8.55 21.81 -2.67
N SER A 3 -8.01 21.44 -3.84
CA SER A 3 -7.99 22.31 -5.04
C SER A 3 -7.93 21.51 -6.35
N ILE A 4 -8.26 22.16 -7.47
CA ILE A 4 -8.25 21.57 -8.83
C ILE A 4 -6.85 21.71 -9.45
N ILE A 5 -6.20 20.60 -9.80
CA ILE A 5 -4.82 20.60 -10.34
C ILE A 5 -4.79 19.88 -11.70
N LYS A 6 -4.47 20.61 -12.77
CA LYS A 6 -4.41 20.09 -14.15
C LYS A 6 -3.00 20.00 -14.74
N THR A 7 -2.03 20.73 -14.21
CA THR A 7 -0.61 20.71 -14.62
C THR A 7 0.34 20.76 -13.42
N ALA A 8 1.60 20.39 -13.60
CA ALA A 8 2.66 20.58 -12.60
C ALA A 8 2.88 22.07 -12.26
N THR A 9 3.39 22.36 -11.06
CA THR A 9 3.52 23.73 -10.51
C THR A 9 4.64 24.56 -11.19
N ASP A 10 4.44 25.88 -11.38
CA ASP A 10 5.46 26.83 -11.89
C ASP A 10 6.60 27.09 -10.89
N THR A 11 7.76 27.60 -11.36
CA THR A 11 8.88 28.04 -10.50
C THR A 11 9.06 29.57 -10.58
N VAL A 12 9.30 30.22 -9.45
CA VAL A 12 9.55 31.67 -9.35
C VAL A 12 11.05 31.97 -9.20
N LYS A 13 11.54 33.03 -9.85
CA LYS A 13 12.90 33.59 -9.67
C LYS A 13 13.23 33.89 -8.19
N SER A 14 14.47 33.70 -7.74
CA SER A 14 14.89 34.01 -6.36
C SER A 14 16.31 34.58 -6.21
N GLU A 15 16.53 35.35 -5.14
CA GLU A 15 17.74 36.14 -4.84
C GLU A 15 18.62 35.53 -3.72
N ILE A 16 19.74 36.20 -3.39
CA ILE A 16 20.57 35.94 -2.18
C ILE A 16 19.74 36.07 -0.90
N ASN A 17 19.96 35.20 0.09
CA ASN A 17 19.41 35.34 1.45
C ASN A 17 20.50 35.28 2.53
N ALA A 18 20.39 36.14 3.54
CA ALA A 18 21.16 36.10 4.78
C ALA A 18 20.30 36.74 5.88
N GLU A 19 19.66 35.94 6.73
CA GLU A 19 18.57 36.40 7.61
C GLU A 19 18.54 35.64 8.94
N LEU A 20 18.76 36.34 10.06
CA LEU A 20 18.72 35.76 11.41
C LEU A 20 17.32 35.27 11.80
N GLY A 21 17.24 34.15 12.53
CA GLY A 21 16.01 33.54 13.01
C GLY A 21 15.24 32.71 11.96
N VAL A 22 15.74 32.61 10.73
CA VAL A 22 15.09 31.94 9.59
C VAL A 22 15.98 30.84 9.01
N VAL A 23 15.48 29.60 8.97
CA VAL A 23 16.22 28.38 8.55
C VAL A 23 15.33 27.38 7.80
N PRO A 24 14.88 27.71 6.57
CA PRO A 24 13.93 26.87 5.82
C PRO A 24 14.45 25.47 5.43
N SER A 25 15.77 25.23 5.43
CA SER A 25 16.34 23.90 5.16
C SER A 25 16.34 22.95 6.38
N LEU A 26 16.14 23.44 7.61
CA LEU A 26 15.98 22.60 8.81
C LEU A 26 14.52 22.18 9.01
N ASN A 27 14.30 20.97 9.50
CA ASN A 27 12.99 20.33 9.65
C ASN A 27 12.93 19.45 10.92
N ALA A 28 11.72 19.03 11.33
CA ALA A 28 11.48 18.11 12.45
C ALA A 28 10.71 16.85 11.98
N VAL A 29 11.45 15.84 11.53
CA VAL A 29 10.89 14.56 11.05
C VAL A 29 10.05 13.82 12.11
N GLU A 30 10.36 13.98 13.40
CA GLU A 30 9.66 13.32 14.51
C GLU A 30 8.15 13.60 14.55
N THR A 31 7.71 14.78 14.10
CA THR A 31 6.28 15.15 14.03
C THR A 31 5.45 14.25 13.11
N GLY A 32 6.07 13.56 12.14
CA GLY A 32 5.40 12.76 11.11
C GLY A 32 5.00 13.54 9.84
N ALA A 33 5.19 14.85 9.78
CA ALA A 33 5.00 15.64 8.55
C ALA A 33 6.18 15.49 7.57
N THR A 34 5.92 15.58 6.27
CA THR A 34 6.96 15.67 5.22
C THR A 34 7.58 17.08 5.16
N SER A 35 8.88 17.20 4.88
CA SER A 35 9.60 18.47 4.72
C SER A 35 8.89 19.45 3.76
N ASN A 36 8.73 20.70 4.18
CA ASN A 36 8.09 21.76 3.38
C ASN A 36 9.11 22.72 2.70
N THR A 37 10.41 22.41 2.71
CA THR A 37 11.46 23.20 2.02
C THR A 37 11.19 23.27 0.51
N GLU A 38 11.12 24.46 -0.08
CA GLU A 38 10.93 24.67 -1.52
C GLU A 38 12.25 24.97 -2.28
N PRO A 39 12.39 24.64 -3.59
CA PRO A 39 13.62 24.92 -4.37
C PRO A 39 14.11 26.38 -4.28
N GLU A 40 13.21 27.35 -4.36
CA GLU A 40 13.51 28.79 -4.23
C GLU A 40 14.21 29.16 -2.89
N GLU A 41 13.98 28.37 -1.84
CA GLU A 41 14.59 28.57 -0.51
C GLU A 41 15.97 27.88 -0.38
N ALA A 42 16.27 26.88 -1.21
CA ALA A 42 17.51 26.11 -1.16
C ALA A 42 18.62 26.60 -2.13
N ILE A 43 18.26 27.11 -3.31
CA ILE A 43 19.18 27.62 -4.35
C ILE A 43 18.62 28.89 -5.00
N GLN A 44 19.43 29.64 -5.75
CA GLN A 44 18.89 30.65 -6.68
C GLN A 44 18.25 30.00 -7.93
N THR A 45 16.98 30.29 -8.18
CA THR A 45 16.15 29.79 -9.29
C THR A 45 15.91 30.85 -10.37
N ARG A 46 15.58 30.44 -11.60
CA ARG A 46 14.91 31.29 -12.61
C ARG A 46 13.38 31.17 -12.54
N THR A 47 12.66 32.01 -13.29
CA THR A 47 11.24 31.80 -13.58
C THR A 47 11.05 30.71 -14.64
N VAL A 48 10.14 29.77 -14.40
CA VAL A 48 9.74 28.72 -15.37
C VAL A 48 8.21 28.56 -15.36
N ILE A 49 7.59 28.62 -16.54
CA ILE A 49 6.16 28.34 -16.72
C ILE A 49 6.00 26.88 -17.14
N ASN A 50 5.43 26.04 -16.28
CA ASN A 50 5.39 24.59 -16.47
C ASN A 50 4.05 24.15 -17.09
N GLN A 51 4.08 23.57 -18.29
CA GLN A 51 2.90 23.10 -19.02
C GLN A 51 2.68 21.57 -18.97
N HIS A 52 3.45 20.82 -18.17
CA HIS A 52 3.32 19.35 -18.08
C HIS A 52 1.99 18.92 -17.44
N GLY A 53 1.20 18.11 -18.14
CA GLY A 53 -0.07 17.57 -17.65
C GLY A 53 0.07 16.46 -16.60
N VAL A 54 -0.97 16.25 -15.80
CA VAL A 54 -1.01 15.24 -14.71
C VAL A 54 -2.12 14.18 -14.87
N SER A 55 -2.80 14.11 -16.02
CA SER A 55 -3.96 13.22 -16.19
C SER A 55 -3.62 11.72 -16.29
N GLU A 56 -2.44 11.31 -16.76
CA GLU A 56 -2.12 9.87 -16.91
C GLU A 56 -1.95 9.15 -15.55
N THR A 57 -1.79 9.89 -14.44
CA THR A 57 -1.75 9.36 -13.06
C THR A 57 -3.05 9.52 -12.27
N LEU A 58 -4.15 9.97 -12.89
CA LEU A 58 -5.49 9.90 -12.27
C LEU A 58 -5.82 8.44 -11.88
N VAL A 59 -6.46 8.23 -10.72
CA VAL A 59 -6.79 6.88 -10.24
C VAL A 59 -7.65 6.09 -11.24
N GLU A 60 -8.65 6.72 -11.88
CA GLU A 60 -9.47 6.05 -12.92
C GLU A 60 -8.59 5.52 -14.07
N ASN A 61 -7.63 6.30 -14.57
CA ASN A 61 -6.72 5.85 -15.63
C ASN A 61 -5.76 4.74 -15.17
N PHE A 62 -5.24 4.83 -13.94
CA PHE A 62 -4.29 3.86 -13.38
C PHE A 62 -4.92 2.45 -13.22
N LEU A 63 -6.17 2.36 -12.72
CA LEU A 63 -6.86 1.09 -12.52
C LEU A 63 -7.78 0.63 -13.68
N SER A 64 -8.33 1.52 -14.52
CA SER A 64 -9.32 1.14 -15.54
C SER A 64 -8.69 0.61 -16.84
N ARG A 65 -8.10 -0.58 -16.78
CA ARG A 65 -7.51 -1.32 -17.91
C ARG A 65 -7.91 -2.79 -17.84
N ALA A 66 -8.33 -3.40 -18.94
CA ALA A 66 -8.72 -4.81 -18.94
C ALA A 66 -7.50 -5.71 -18.67
N ALA A 67 -7.54 -6.50 -17.60
CA ALA A 67 -6.48 -7.43 -17.20
C ALA A 67 -7.01 -8.87 -17.14
N LEU A 68 -6.16 -9.85 -17.45
CA LEU A 68 -6.52 -11.28 -17.41
C LEU A 68 -6.79 -11.76 -15.96
N VAL A 69 -7.94 -12.38 -15.71
CA VAL A 69 -8.31 -12.89 -14.37
C VAL A 69 -8.58 -14.40 -14.32
N SER A 70 -8.86 -15.04 -15.45
CA SER A 70 -9.02 -16.51 -15.55
C SER A 70 -8.60 -17.03 -16.91
N LYS A 71 -7.92 -18.17 -16.93
CA LYS A 71 -7.66 -19.00 -18.13
C LYS A 71 -7.99 -20.46 -17.78
N ARG A 72 -8.89 -21.10 -18.52
CA ARG A 72 -9.27 -22.52 -18.32
C ARG A 72 -9.30 -23.27 -19.65
N SER A 73 -8.67 -24.44 -19.71
CA SER A 73 -8.69 -25.35 -20.85
C SER A 73 -9.42 -26.64 -20.49
N PHE A 74 -10.25 -27.16 -21.39
CA PHE A 74 -10.97 -28.42 -21.22
C PHE A 74 -11.20 -29.14 -22.55
N GLU A 75 -11.47 -30.45 -22.50
CA GLU A 75 -11.72 -31.26 -23.69
C GLU A 75 -13.21 -31.30 -24.04
N TYR A 76 -13.53 -30.99 -25.29
CA TYR A 76 -14.86 -31.12 -25.90
C TYR A 76 -14.94 -32.47 -26.63
N LYS A 77 -15.64 -33.45 -26.05
CA LYS A 77 -15.71 -34.85 -26.52
C LYS A 77 -16.84 -35.64 -25.84
N ASP A 78 -17.06 -36.89 -26.26
CA ASP A 78 -17.85 -37.87 -25.48
C ASP A 78 -17.12 -38.19 -24.16
N HIS A 79 -17.71 -37.82 -23.03
CA HIS A 79 -17.13 -37.99 -21.68
C HIS A 79 -17.61 -39.23 -20.92
N THR A 80 -18.23 -40.20 -21.59
CA THR A 80 -18.83 -41.39 -20.93
C THR A 80 -17.86 -42.15 -19.99
N SER A 81 -16.58 -42.26 -20.34
CA SER A 81 -15.55 -42.96 -19.53
C SER A 81 -14.59 -42.06 -18.72
N SER A 82 -14.80 -40.74 -18.66
CA SER A 82 -13.92 -39.82 -17.90
C SER A 82 -14.03 -39.96 -16.38
N ALA A 83 -12.94 -39.67 -15.67
CA ALA A 83 -12.86 -39.67 -14.19
C ALA A 83 -13.72 -38.59 -13.52
N ALA A 84 -13.98 -38.73 -12.22
CA ALA A 84 -14.89 -37.86 -11.45
C ALA A 84 -14.45 -36.39 -11.35
N GLN A 85 -13.15 -36.11 -11.44
CA GLN A 85 -12.57 -34.77 -11.29
C GLN A 85 -12.54 -33.94 -12.60
N THR A 86 -12.78 -34.56 -13.76
CA THR A 86 -12.67 -33.93 -15.09
C THR A 86 -13.76 -32.89 -15.36
N ASP A 87 -13.45 -31.81 -16.08
CA ASP A 87 -14.43 -30.87 -16.64
C ASP A 87 -15.10 -31.46 -17.90
N LYS A 88 -16.30 -32.02 -17.77
CA LYS A 88 -17.01 -32.78 -18.81
C LYS A 88 -17.87 -31.89 -19.73
N ASN A 89 -17.25 -31.15 -20.66
CA ASN A 89 -17.87 -30.13 -21.54
C ASN A 89 -18.41 -28.85 -20.84
N PHE A 90 -18.15 -28.65 -19.55
CA PHE A 90 -18.50 -27.43 -18.81
C PHE A 90 -17.57 -27.22 -17.60
N PHE A 91 -17.51 -26.01 -17.03
CA PHE A 91 -16.79 -25.69 -15.80
C PHE A 91 -17.48 -24.58 -14.97
N LYS A 92 -17.14 -24.51 -13.68
CA LYS A 92 -17.49 -23.45 -12.72
C LYS A 92 -16.26 -22.59 -12.45
N TRP A 93 -16.40 -21.27 -12.38
CA TRP A 93 -15.36 -20.38 -11.82
C TRP A 93 -15.94 -19.35 -10.86
N THR A 94 -15.34 -19.21 -9.67
CA THR A 94 -15.62 -18.13 -8.73
C THR A 94 -14.80 -16.89 -9.09
N ILE A 95 -15.47 -15.77 -9.37
CA ILE A 95 -14.83 -14.52 -9.77
C ILE A 95 -13.90 -14.04 -8.65
N ASN A 96 -12.63 -13.80 -8.95
CA ASN A 96 -11.65 -13.25 -8.00
C ASN A 96 -10.53 -12.47 -8.73
N THR A 97 -9.89 -11.56 -8.02
CA THR A 97 -8.72 -10.79 -8.49
C THR A 97 -7.40 -11.25 -7.84
N ARG A 98 -7.35 -12.47 -7.29
CA ARG A 98 -6.23 -12.95 -6.46
C ARG A 98 -5.20 -13.83 -7.19
N SER A 99 -5.47 -14.25 -8.43
CA SER A 99 -4.75 -15.36 -9.09
C SER A 99 -3.65 -14.96 -10.08
N PHE A 100 -3.76 -13.79 -10.72
CA PHE A 100 -2.76 -13.24 -11.65
C PHE A 100 -2.13 -11.97 -11.06
N VAL A 101 -0.80 -11.97 -10.90
CA VAL A 101 -0.13 -11.04 -9.97
C VAL A 101 -0.08 -9.57 -10.39
N GLN A 102 -0.14 -9.22 -11.68
CA GLN A 102 -0.08 -7.80 -12.09
C GLN A 102 -1.32 -7.02 -11.61
N LEU A 103 -2.54 -7.54 -11.81
CA LEU A 103 -3.75 -6.90 -11.26
C LEU A 103 -3.78 -6.95 -9.73
N ARG A 104 -3.40 -8.08 -9.10
CA ARG A 104 -3.42 -8.22 -7.64
C ARG A 104 -2.56 -7.15 -6.95
N ARG A 105 -1.31 -6.95 -7.36
CA ARG A 105 -0.42 -5.93 -6.77
C ARG A 105 -1.00 -4.52 -6.92
N LYS A 106 -1.56 -4.17 -8.08
CA LYS A 106 -2.19 -2.85 -8.31
C LYS A 106 -3.39 -2.60 -7.39
N LEU A 107 -4.32 -3.55 -7.25
CA LEU A 107 -5.46 -3.39 -6.33
C LEU A 107 -5.00 -3.31 -4.86
N GLU A 108 -4.01 -4.10 -4.47
CA GLU A 108 -3.41 -4.08 -3.12
C GLU A 108 -2.62 -2.80 -2.76
N LEU A 109 -2.47 -1.82 -3.66
CA LEU A 109 -1.99 -0.48 -3.27
C LEU A 109 -2.99 0.31 -2.39
N PHE A 110 -4.24 -0.17 -2.23
CA PHE A 110 -5.33 0.53 -1.52
C PHE A 110 -5.99 -0.35 -0.44
N THR A 111 -6.60 0.25 0.59
CA THR A 111 -7.30 -0.51 1.65
C THR A 111 -8.77 -0.82 1.30
N TYR A 112 -9.51 0.14 0.74
CA TYR A 112 -10.91 -0.01 0.32
C TYR A 112 -11.09 0.49 -1.12
N LEU A 113 -11.95 -0.18 -1.90
CA LEU A 113 -12.26 0.18 -3.30
C LEU A 113 -13.77 0.07 -3.60
N ARG A 114 -14.34 1.00 -4.36
CA ARG A 114 -15.71 0.94 -4.91
C ARG A 114 -15.65 1.07 -6.44
N PHE A 115 -16.12 0.07 -7.18
CA PHE A 115 -16.14 0.08 -8.65
C PHE A 115 -17.22 -0.84 -9.25
N ASP A 116 -17.67 -0.53 -10.47
CA ASP A 116 -18.37 -1.47 -11.35
C ASP A 116 -17.34 -2.27 -12.18
N ALA A 117 -17.67 -3.51 -12.59
CA ALA A 117 -16.74 -4.39 -13.30
C ALA A 117 -17.24 -4.76 -14.70
N GLU A 118 -16.49 -4.39 -15.74
CA GLU A 118 -16.74 -4.78 -17.13
C GLU A 118 -16.02 -6.09 -17.46
N ILE A 119 -16.76 -7.12 -17.87
CA ILE A 119 -16.28 -8.48 -18.08
C ILE A 119 -16.26 -8.80 -19.59
N THR A 120 -15.11 -9.23 -20.12
CA THR A 120 -14.94 -9.64 -21.53
C THR A 120 -14.46 -11.10 -21.62
N ILE A 121 -15.12 -11.94 -22.43
CA ILE A 121 -14.83 -13.40 -22.53
C ILE A 121 -14.34 -13.78 -23.94
N LEU A 122 -13.11 -14.30 -24.04
CA LEU A 122 -12.42 -14.69 -25.28
C LEU A 122 -12.24 -16.23 -25.36
N THR A 123 -12.62 -16.85 -26.48
CA THR A 123 -12.60 -18.32 -26.66
C THR A 123 -11.75 -18.75 -27.86
N THR A 124 -10.94 -19.81 -27.73
CA THR A 124 -10.15 -20.40 -28.82
C THR A 124 -10.22 -21.93 -28.79
N VAL A 125 -10.01 -22.58 -29.94
CA VAL A 125 -10.15 -24.04 -30.12
C VAL A 125 -8.99 -24.63 -30.95
N ALA A 126 -8.67 -25.91 -30.71
CA ALA A 126 -7.72 -26.69 -31.50
C ALA A 126 -8.10 -28.19 -31.55
N VAL A 127 -7.73 -28.87 -32.63
CA VAL A 127 -7.95 -30.33 -32.78
C VAL A 127 -7.07 -31.11 -31.82
N ASN A 128 -7.58 -32.15 -31.14
CA ASN A 128 -6.76 -32.95 -30.23
C ASN A 128 -5.63 -33.69 -30.97
N GLY A 129 -4.40 -33.61 -30.45
CA GLY A 129 -3.17 -34.02 -31.14
C GLY A 129 -2.70 -35.46 -30.93
N SER A 130 -3.53 -36.36 -30.40
CA SER A 130 -3.20 -37.79 -30.31
C SER A 130 -3.09 -38.44 -31.72
N SER A 131 -2.31 -39.51 -31.83
CA SER A 131 -1.86 -40.07 -33.12
C SER A 131 -2.96 -40.69 -34.00
N ASN A 132 -4.17 -40.90 -33.47
CA ASN A 132 -5.35 -41.29 -34.25
C ASN A 132 -5.88 -40.15 -35.16
N ASN A 133 -5.58 -38.88 -34.86
CA ASN A 133 -6.24 -37.74 -35.51
C ASN A 133 -5.38 -37.06 -36.59
N THR A 134 -5.98 -36.84 -37.77
CA THR A 134 -5.52 -35.81 -38.71
C THR A 134 -6.18 -34.45 -38.39
N TYR A 135 -5.69 -33.36 -38.98
CA TYR A 135 -6.42 -32.08 -38.97
C TYR A 135 -7.66 -32.15 -39.90
N VAL A 136 -8.73 -31.43 -39.54
CA VAL A 136 -10.07 -31.54 -40.14
C VAL A 136 -10.80 -30.20 -40.32
N GLY A 137 -10.22 -29.07 -39.90
CA GLY A 137 -10.95 -27.81 -39.71
C GLY A 137 -11.49 -27.65 -38.28
N LEU A 138 -12.01 -26.47 -37.95
CA LEU A 138 -12.42 -26.11 -36.58
C LEU A 138 -13.92 -25.72 -36.53
N PRO A 139 -14.71 -26.21 -35.55
CA PRO A 139 -16.14 -25.94 -35.45
C PRO A 139 -16.44 -24.54 -34.87
N ASP A 140 -17.47 -23.86 -35.39
CA ASP A 140 -18.00 -22.62 -34.83
C ASP A 140 -19.07 -22.89 -33.74
N LEU A 141 -18.63 -23.27 -32.55
CA LEU A 141 -19.49 -23.68 -31.43
C LEU A 141 -20.24 -22.51 -30.79
N THR A 142 -21.43 -22.77 -30.24
CA THR A 142 -22.12 -21.86 -29.30
C THR A 142 -21.76 -22.21 -27.86
N LEU A 143 -21.49 -21.20 -27.04
CA LEU A 143 -21.25 -21.32 -25.60
C LEU A 143 -22.32 -20.55 -24.80
N GLN A 144 -22.60 -21.00 -23.58
CA GLN A 144 -23.44 -20.32 -22.59
C GLN A 144 -22.61 -20.00 -21.34
N ALA A 145 -22.66 -18.75 -20.88
CA ALA A 145 -22.13 -18.34 -19.58
C ALA A 145 -23.27 -17.80 -18.69
N MET A 146 -23.52 -18.46 -17.57
CA MET A 146 -24.59 -18.14 -16.62
C MET A 146 -24.02 -17.52 -15.33
N PHE A 147 -24.51 -16.35 -14.91
CA PHE A 147 -24.13 -15.74 -13.63
C PHE A 147 -24.87 -16.40 -12.47
N VAL A 148 -24.16 -16.83 -11.42
CA VAL A 148 -24.75 -17.44 -10.22
C VAL A 148 -24.18 -16.74 -8.97
N PRO A 149 -25.02 -16.26 -8.02
CA PRO A 149 -24.53 -15.56 -6.83
C PRO A 149 -23.61 -16.42 -5.96
N THR A 150 -22.75 -15.78 -5.15
CA THR A 150 -21.79 -16.43 -4.24
C THR A 150 -22.49 -17.44 -3.33
N GLY A 151 -22.05 -18.71 -3.34
CA GLY A 151 -22.62 -19.79 -2.54
C GLY A 151 -23.91 -20.45 -3.06
N ALA A 152 -24.56 -19.95 -4.10
CA ALA A 152 -25.79 -20.53 -4.67
C ALA A 152 -25.54 -21.82 -5.50
N LEU A 153 -26.61 -22.57 -5.82
CA LEU A 153 -26.51 -23.85 -6.56
C LEU A 153 -26.07 -23.67 -8.02
N THR A 154 -25.15 -24.52 -8.48
CA THR A 154 -24.59 -24.52 -9.85
C THR A 154 -24.91 -25.84 -10.60
N PRO A 155 -24.96 -25.88 -11.94
CA PRO A 155 -25.22 -27.09 -12.72
C PRO A 155 -24.25 -28.26 -12.43
N GLU A 156 -24.75 -29.50 -12.49
CA GLU A 156 -23.97 -30.73 -12.23
C GLU A 156 -23.51 -31.50 -13.49
N LYS A 157 -24.05 -31.19 -14.68
CA LYS A 157 -23.72 -31.83 -15.97
C LYS A 157 -24.05 -30.90 -17.16
N GLN A 158 -23.49 -31.20 -18.34
CA GLN A 158 -23.66 -30.38 -19.55
C GLN A 158 -25.14 -30.22 -19.97
N ASP A 159 -25.96 -31.27 -19.83
CA ASP A 159 -27.38 -31.25 -20.23
C ASP A 159 -28.37 -31.06 -19.06
N SER A 160 -27.92 -30.53 -17.91
CA SER A 160 -28.78 -30.31 -16.73
C SER A 160 -29.98 -29.38 -17.04
N PHE A 161 -31.14 -29.66 -16.44
CA PHE A 161 -32.28 -28.74 -16.45
C PHE A 161 -31.99 -27.39 -15.75
N HIS A 162 -30.94 -27.26 -14.94
CA HIS A 162 -30.50 -25.97 -14.36
C HIS A 162 -30.13 -24.91 -15.40
N TRP A 163 -29.69 -25.29 -16.61
CA TRP A 163 -29.35 -24.33 -17.67
C TRP A 163 -30.58 -23.59 -18.26
N GLN A 164 -31.82 -23.91 -17.86
CA GLN A 164 -33.04 -23.21 -18.30
C GLN A 164 -33.06 -21.71 -17.91
N SER A 165 -32.27 -21.30 -16.90
CA SER A 165 -31.93 -19.91 -16.57
C SER A 165 -33.15 -18.97 -16.42
N GLY A 166 -34.12 -19.35 -15.59
CA GLY A 166 -35.41 -18.66 -15.49
C GLY A 166 -35.38 -17.27 -14.83
N SER A 167 -34.38 -16.98 -14.00
CA SER A 167 -34.16 -15.66 -13.36
C SER A 167 -32.69 -15.23 -13.36
N ASN A 168 -31.74 -16.17 -13.28
CA ASN A 168 -30.33 -15.93 -13.56
C ASN A 168 -30.13 -15.31 -14.94
N ALA A 169 -29.20 -14.35 -15.07
CA ALA A 169 -28.74 -13.86 -16.36
C ALA A 169 -27.83 -14.89 -17.04
N SER A 170 -28.08 -15.20 -18.32
CA SER A 170 -27.19 -15.98 -19.19
C SER A 170 -26.83 -15.18 -20.46
N VAL A 171 -25.60 -15.31 -20.93
CA VAL A 171 -25.17 -14.83 -22.25
C VAL A 171 -24.76 -15.99 -23.16
N PHE A 172 -25.36 -16.05 -24.35
CA PHE A 172 -25.05 -17.01 -25.41
C PHE A 172 -24.25 -16.32 -26.51
N PHE A 173 -23.13 -16.92 -26.93
CA PHE A 173 -22.18 -16.36 -27.91
C PHE A 173 -21.48 -17.44 -28.74
N LYS A 174 -21.07 -17.13 -29.96
CA LYS A 174 -20.36 -18.03 -30.89
C LYS A 174 -18.87 -17.71 -30.99
N ILE A 175 -18.04 -18.70 -31.31
CA ILE A 175 -16.58 -18.52 -31.48
C ILE A 175 -16.25 -17.53 -32.63
N SER A 176 -17.05 -17.51 -33.70
CA SER A 176 -16.92 -16.55 -34.81
C SER A 176 -17.33 -15.09 -34.50
N ASP A 177 -18.04 -14.82 -33.40
CA ASP A 177 -18.35 -13.44 -32.97
C ASP A 177 -17.11 -12.68 -32.45
N PRO A 178 -17.12 -11.34 -32.36
CA PRO A 178 -16.27 -10.62 -31.40
C PRO A 178 -16.43 -11.21 -29.97
N PRO A 179 -15.44 -11.06 -29.07
CA PRO A 179 -15.54 -11.52 -27.69
C PRO A 179 -16.83 -11.04 -26.99
N ALA A 180 -17.47 -11.85 -26.16
CA ALA A 180 -18.66 -11.44 -25.41
C ALA A 180 -18.34 -10.36 -24.35
N ARG A 181 -19.25 -9.42 -24.08
CA ARG A 181 -19.05 -8.35 -23.08
C ARG A 181 -20.31 -7.95 -22.32
N MET A 182 -20.20 -7.77 -21.01
CA MET A 182 -21.26 -7.28 -20.12
C MET A 182 -20.68 -6.58 -18.86
N THR A 183 -21.44 -5.71 -18.20
CA THR A 183 -21.04 -5.02 -16.96
C THR A 183 -21.80 -5.55 -15.73
N ILE A 184 -21.07 -5.92 -14.68
CA ILE A 184 -21.61 -6.25 -13.36
C ILE A 184 -21.52 -5.00 -12.45
N PRO A 185 -22.61 -4.58 -11.75
CA PRO A 185 -22.60 -3.40 -10.90
C PRO A 185 -21.75 -3.59 -9.63
N PHE A 186 -21.41 -2.52 -8.92
CA PHE A 186 -20.93 -2.62 -7.54
C PHE A 186 -21.99 -3.32 -6.65
N MET A 187 -21.73 -4.57 -6.24
CA MET A 187 -22.71 -5.45 -5.58
C MET A 187 -22.51 -5.65 -4.06
N CYS A 188 -21.52 -5.01 -3.41
CA CYS A 188 -21.22 -5.27 -1.99
C CYS A 188 -22.41 -4.91 -1.05
N ILE A 189 -22.57 -5.65 0.06
CA ILE A 189 -23.49 -5.25 1.15
C ILE A 189 -23.02 -4.01 1.94
N ASN A 190 -21.73 -3.64 1.84
CA ASN A 190 -21.14 -2.44 2.43
C ASN A 190 -20.98 -1.31 1.38
N SER A 191 -20.58 -0.12 1.80
CA SER A 191 -20.38 1.03 0.88
C SER A 191 -19.13 0.94 -0.01
N ALA A 192 -18.17 0.06 0.32
CA ALA A 192 -16.95 -0.26 -0.45
C ALA A 192 -16.55 -1.73 -0.27
N TYR A 193 -15.81 -2.32 -1.21
CA TYR A 193 -15.12 -3.60 -1.00
C TYR A 193 -13.93 -3.42 -0.04
N SER A 194 -13.67 -4.40 0.82
CA SER A 194 -12.44 -4.46 1.62
C SER A 194 -11.35 -5.24 0.86
N VAL A 195 -10.26 -4.57 0.47
CA VAL A 195 -9.12 -5.23 -0.21
C VAL A 195 -8.35 -6.12 0.79
N PHE A 196 -8.18 -5.67 2.03
CA PHE A 196 -7.64 -6.43 3.16
C PHE A 196 -8.67 -6.50 4.29
N TYR A 197 -8.71 -7.59 5.06
CA TYR A 197 -9.71 -7.80 6.11
C TYR A 197 -9.07 -8.41 7.36
N ASP A 198 -8.89 -7.64 8.44
CA ASP A 198 -8.25 -8.11 9.67
C ASP A 198 -9.25 -8.76 10.65
N GLY A 199 -9.81 -9.91 10.28
CA GLY A 199 -10.82 -10.59 11.10
C GLY A 199 -11.25 -11.99 10.64
N PHE A 200 -12.22 -12.56 11.36
CA PHE A 200 -12.80 -13.88 11.12
C PHE A 200 -14.32 -13.74 10.88
N ALA A 201 -14.81 -13.97 9.66
CA ALA A 201 -16.20 -13.71 9.26
C ALA A 201 -17.21 -14.80 9.70
N GLY A 202 -17.18 -15.24 10.97
CA GLY A 202 -18.12 -16.20 11.55
C GLY A 202 -18.21 -16.09 13.08
N PHE A 203 -19.38 -16.45 13.65
CA PHE A 203 -19.60 -16.31 15.10
C PHE A 203 -18.86 -17.36 15.95
N GLU A 204 -18.54 -18.53 15.41
CA GLU A 204 -17.62 -19.50 16.05
C GLU A 204 -16.13 -19.17 15.79
N LYS A 205 -15.19 -19.77 16.53
CA LYS A 205 -13.73 -19.49 16.43
C LYS A 205 -12.99 -20.23 15.29
N SER A 206 -13.62 -21.12 14.54
CA SER A 206 -12.94 -22.22 13.83
C SER A 206 -12.41 -21.97 12.39
N GLY A 207 -13.01 -21.08 11.60
CA GLY A 207 -12.72 -20.95 10.15
C GLY A 207 -11.45 -20.15 9.76
N LEU A 208 -11.31 -19.80 8.47
CA LEU A 208 -10.14 -19.08 7.96
C LEU A 208 -10.11 -17.58 8.36
N TYR A 209 -8.89 -17.08 8.60
CA TYR A 209 -8.57 -15.66 8.76
C TYR A 209 -8.53 -14.91 7.42
N GLY A 210 -8.98 -13.66 7.39
CA GLY A 210 -8.64 -12.72 6.31
C GLY A 210 -9.48 -12.80 5.02
N ILE A 211 -10.50 -13.65 4.95
CA ILE A 211 -11.42 -13.73 3.80
C ILE A 211 -12.83 -13.34 4.25
N ASN A 212 -13.40 -12.30 3.64
CA ASN A 212 -14.79 -11.88 3.84
C ASN A 212 -15.60 -12.17 2.55
N PRO A 213 -16.50 -13.18 2.54
CA PRO A 213 -17.31 -13.51 1.38
C PRO A 213 -18.17 -12.37 0.80
N ALA A 214 -18.47 -11.32 1.57
CA ALA A 214 -19.10 -10.11 1.02
C ALA A 214 -18.29 -9.41 -0.09
N ASP A 215 -16.97 -9.62 -0.16
CA ASP A 215 -16.11 -9.12 -1.24
C ASP A 215 -16.00 -10.08 -2.46
N THR A 216 -16.59 -11.28 -2.42
CA THR A 216 -16.60 -12.20 -3.57
C THR A 216 -17.78 -11.86 -4.50
N ILE A 217 -17.50 -11.41 -5.73
CA ILE A 217 -18.50 -10.89 -6.67
C ILE A 217 -19.56 -11.96 -7.07
N GLY A 218 -19.16 -13.20 -7.35
CA GLY A 218 -20.07 -14.26 -7.78
C GLY A 218 -19.38 -15.39 -8.52
N ASN A 219 -20.16 -16.20 -9.25
CA ASN A 219 -19.67 -17.28 -10.10
C ASN A 219 -20.09 -17.09 -11.57
N LEU A 220 -19.24 -17.55 -12.49
CA LEU A 220 -19.58 -17.84 -13.88
C LEU A 220 -19.62 -19.38 -14.06
N CYS A 221 -20.73 -19.88 -14.59
CA CYS A 221 -20.86 -21.28 -15.00
C CYS A 221 -20.88 -21.32 -16.54
N VAL A 222 -19.92 -22.01 -17.15
CA VAL A 222 -19.69 -21.99 -18.60
C VAL A 222 -19.83 -23.38 -19.21
N ARG A 223 -20.63 -23.54 -20.26
CA ARG A 223 -20.73 -24.79 -21.06
C ARG A 223 -20.63 -24.54 -22.56
N ILE A 224 -20.24 -25.56 -23.31
CA ILE A 224 -20.52 -25.68 -24.74
C ILE A 224 -21.98 -26.14 -24.92
N VAL A 225 -22.75 -25.48 -25.78
CA VAL A 225 -24.17 -25.79 -25.99
C VAL A 225 -24.36 -26.97 -26.96
N ASN A 226 -23.56 -27.09 -28.02
CA ASN A 226 -23.58 -28.20 -28.99
C ASN A 226 -23.38 -29.58 -28.31
N GLU A 227 -24.03 -30.64 -28.81
CA GLU A 227 -23.67 -32.04 -28.52
C GLU A 227 -22.21 -32.35 -28.95
N HIS A 228 -21.56 -33.39 -28.40
CA HIS A 228 -20.23 -33.80 -28.86
C HIS A 228 -20.20 -34.25 -30.33
N GLN A 229 -19.10 -33.97 -31.02
CA GLN A 229 -18.80 -34.47 -32.37
C GLN A 229 -18.16 -35.89 -32.31
N PRO A 230 -18.01 -36.62 -33.43
CA PRO A 230 -17.29 -37.90 -33.47
C PRO A 230 -15.79 -37.83 -33.08
N VAL A 231 -15.16 -36.65 -33.18
CA VAL A 231 -13.74 -36.42 -32.84
C VAL A 231 -13.59 -35.38 -31.73
N GLY A 232 -12.51 -35.47 -30.95
CA GLY A 232 -12.24 -34.58 -29.81
C GLY A 232 -11.52 -33.27 -30.17
N PHE A 233 -11.81 -32.21 -29.42
CA PHE A 233 -11.15 -30.90 -29.51
C PHE A 233 -10.75 -30.40 -28.11
N THR A 234 -9.80 -29.48 -28.03
CA THR A 234 -9.48 -28.76 -26.79
C THR A 234 -9.94 -27.30 -26.93
N VAL A 235 -10.75 -26.84 -25.98
CA VAL A 235 -11.29 -25.48 -25.92
C VAL A 235 -10.66 -24.72 -24.76
N THR A 236 -10.18 -23.49 -25.01
CA THR A 236 -9.64 -22.60 -23.97
C THR A 236 -10.46 -21.32 -23.85
N VAL A 237 -10.89 -20.98 -22.64
CA VAL A 237 -11.66 -19.77 -22.30
C VAL A 237 -10.82 -18.83 -21.44
N ARG A 238 -10.69 -17.57 -21.85
CA ARG A 238 -10.02 -16.50 -21.10
C ARG A 238 -11.02 -15.41 -20.68
N VAL A 239 -10.99 -15.00 -19.42
CA VAL A 239 -11.82 -13.91 -18.87
C VAL A 239 -10.95 -12.70 -18.50
N TYR A 240 -11.38 -11.51 -18.92
CA TYR A 240 -10.77 -10.23 -18.60
C TYR A 240 -11.73 -9.37 -17.77
N MET A 241 -11.20 -8.64 -16.79
CA MET A 241 -11.94 -7.68 -15.98
C MET A 241 -11.35 -6.27 -16.14
N LYS A 242 -12.20 -5.26 -16.35
CA LYS A 242 -11.86 -3.83 -16.26
C LYS A 242 -12.72 -3.14 -15.18
N PRO A 243 -12.14 -2.66 -14.07
CA PRO A 243 -12.83 -1.77 -13.13
C PRO A 243 -13.19 -0.42 -13.77
N LYS A 244 -14.34 0.16 -13.45
CA LYS A 244 -14.73 1.53 -13.89
C LYS A 244 -15.58 2.25 -12.84
N HIS A 245 -15.68 3.59 -12.92
CA HIS A 245 -16.39 4.45 -11.97
C HIS A 245 -15.81 4.36 -10.54
N ILE A 246 -14.49 4.47 -10.42
CA ILE A 246 -13.71 4.05 -9.25
C ILE A 246 -13.64 5.12 -8.16
N LYS A 247 -13.79 4.72 -6.89
CA LYS A 247 -13.31 5.47 -5.70
C LYS A 247 -12.38 4.61 -4.85
N ALA A 248 -11.34 5.20 -4.27
CA ALA A 248 -10.28 4.50 -3.53
C ALA A 248 -9.86 5.23 -2.24
N TRP A 249 -9.55 4.47 -1.18
CA TRP A 249 -9.19 5.02 0.14
C TRP A 249 -7.98 4.32 0.77
N ALA A 250 -7.19 5.11 1.53
CA ALA A 250 -6.10 4.68 2.41
C ALA A 250 -5.01 3.86 1.68
N PRO A 251 -4.07 4.54 0.98
CA PRO A 251 -2.98 3.89 0.26
C PRO A 251 -2.01 3.14 1.20
N ARG A 252 -1.33 2.11 0.67
CA ARG A 252 -0.57 1.11 1.45
C ARG A 252 0.86 0.86 0.89
N PRO A 253 1.81 0.38 1.71
CA PRO A 253 3.09 -0.12 1.23
C PRO A 253 2.93 -1.23 0.16
N PRO A 254 3.57 -1.12 -1.01
CA PRO A 254 3.51 -2.16 -2.05
C PRO A 254 4.06 -3.53 -1.61
N ARG A 255 3.55 -4.62 -2.20
CA ARG A 255 4.12 -5.98 -2.06
C ARG A 255 5.56 -6.02 -2.56
N THR A 256 6.49 -6.55 -1.77
CA THR A 256 7.91 -6.71 -2.14
C THR A 256 8.27 -8.16 -2.46
N LEU A 257 7.96 -9.11 -1.58
CA LEU A 257 8.28 -10.53 -1.74
C LEU A 257 7.25 -11.22 -2.66
N PRO A 258 7.60 -12.27 -3.42
CA PRO A 258 6.65 -13.02 -4.25
C PRO A 258 5.40 -13.49 -3.48
N TYR A 259 4.24 -13.52 -4.14
CA TYR A 259 3.03 -14.14 -3.61
C TYR A 259 3.18 -15.67 -3.51
N MET A 260 2.67 -16.28 -2.45
CA MET A 260 2.64 -17.75 -2.28
C MET A 260 1.30 -18.39 -2.67
N SER A 261 0.17 -17.78 -2.30
CA SER A 261 -1.17 -18.40 -2.31
C SER A 261 -2.25 -17.39 -2.69
N ILE A 262 -3.37 -17.84 -3.27
CA ILE A 262 -4.53 -16.96 -3.47
C ILE A 262 -5.26 -16.62 -2.15
N ALA A 263 -5.14 -17.47 -1.13
CA ALA A 263 -5.94 -17.38 0.09
C ALA A 263 -5.43 -16.38 1.15
N ASN A 264 -4.15 -16.00 1.13
CA ASN A 264 -3.51 -15.23 2.20
C ASN A 264 -2.30 -14.38 1.75
N ALA A 265 -1.73 -13.61 2.67
CA ALA A 265 -0.54 -12.78 2.50
C ALA A 265 0.79 -13.48 2.85
N ASN A 266 0.83 -14.82 2.98
CA ASN A 266 2.04 -15.55 3.38
C ASN A 266 3.25 -15.27 2.47
N TYR A 267 4.46 -15.38 3.03
CA TYR A 267 5.70 -14.93 2.38
C TYR A 267 6.88 -15.87 2.64
N LYS A 268 7.89 -15.81 1.76
CA LYS A 268 9.13 -16.60 1.82
C LYS A 268 10.34 -15.84 1.25
N GLY A 269 10.16 -15.13 0.14
CA GLY A 269 11.20 -14.37 -0.56
C GLY A 269 12.08 -15.21 -1.51
N LYS A 270 12.82 -14.55 -2.40
CA LYS A 270 13.84 -15.17 -3.25
C LYS A 270 15.00 -15.75 -2.41
N GLY A 271 15.78 -16.68 -2.97
CA GLY A 271 16.92 -17.28 -2.27
C GLY A 271 18.09 -16.31 -2.00
N ARG A 272 18.30 -15.34 -2.90
CA ARG A 272 19.32 -14.28 -2.84
C ARG A 272 18.72 -12.96 -3.32
N ALA A 273 19.28 -11.81 -2.91
CA ALA A 273 18.82 -10.49 -3.33
C ALA A 273 18.89 -10.32 -4.87
N PRO A 274 18.02 -9.51 -5.49
CA PRO A 274 16.95 -8.70 -4.89
C PRO A 274 15.72 -9.51 -4.44
N ASN A 275 14.84 -8.87 -3.66
CA ASN A 275 13.58 -9.44 -3.15
C ASN A 275 13.74 -10.73 -2.31
N ALA A 276 14.82 -10.83 -1.52
CA ALA A 276 14.98 -11.85 -0.48
C ALA A 276 14.45 -11.33 0.88
N LEU A 277 14.07 -12.22 1.79
CA LEU A 277 13.49 -11.86 3.09
C LEU A 277 14.40 -10.92 3.93
N ASN A 278 15.71 -11.16 3.90
CA ASN A 278 16.69 -10.35 4.62
C ASN A 278 17.37 -9.25 3.77
N ALA A 279 17.05 -9.12 2.48
CA ALA A 279 17.63 -8.12 1.57
C ALA A 279 16.74 -7.86 0.33
N ILE A 280 16.04 -6.72 0.31
CA ILE A 280 15.14 -6.35 -0.79
C ILE A 280 15.91 -5.77 -1.99
N ILE A 281 16.84 -4.83 -1.78
CA ILE A 281 17.66 -4.22 -2.85
C ILE A 281 18.90 -5.07 -3.13
N GLY A 282 19.31 -5.22 -4.39
CA GLY A 282 20.57 -5.88 -4.77
C GLY A 282 21.82 -5.23 -4.17
N ASN A 283 22.83 -6.02 -3.81
CA ASN A 283 24.03 -5.53 -3.11
C ASN A 283 25.00 -4.73 -3.98
N ARG A 284 25.78 -3.86 -3.33
CA ARG A 284 27.03 -3.25 -3.81
C ARG A 284 28.15 -3.50 -2.79
N ASP A 285 29.41 -3.39 -3.20
CA ASP A 285 30.57 -3.73 -2.36
C ASP A 285 30.70 -2.90 -1.06
N SER A 286 30.33 -1.62 -1.08
CA SER A 286 30.38 -0.72 0.09
C SER A 286 29.49 0.51 -0.10
N VAL A 287 29.19 1.27 0.97
CA VAL A 287 28.44 2.54 0.89
C VAL A 287 29.21 3.68 0.20
N LYS A 288 30.50 3.49 -0.11
CA LYS A 288 31.33 4.41 -0.93
C LYS A 288 31.44 4.00 -2.40
N THR A 289 30.93 2.84 -2.82
CA THR A 289 31.01 2.34 -4.21
C THR A 289 29.85 2.89 -5.06
N MET A 290 30.16 3.57 -6.17
CA MET A 290 29.16 4.09 -7.11
C MET A 290 28.90 3.08 -8.25
N PRO A 291 27.73 2.42 -8.34
CA PRO A 291 27.57 1.21 -9.17
C PRO A 291 27.65 1.38 -10.69
N HIS A 292 27.20 2.49 -11.28
CA HIS A 292 27.26 2.73 -12.74
C HIS A 292 28.20 3.90 -13.11
N ASN A 293 29.29 4.05 -12.37
CA ASN A 293 30.20 5.19 -12.47
C ASN A 293 30.73 5.40 -13.90
N ILE A 294 30.63 6.62 -14.42
CA ILE A 294 31.10 6.97 -15.78
C ILE A 294 32.63 6.98 -15.80
N VAL A 295 33.24 6.27 -16.76
CA VAL A 295 34.70 6.29 -16.98
C VAL A 295 35.00 7.13 -18.24
N THR A 296 35.80 8.18 -18.09
CA THR A 296 36.24 9.03 -19.20
C THR A 296 37.66 8.68 -19.64
N THR A 297 37.87 8.46 -20.95
CA THR A 297 39.19 8.21 -21.58
C THR A 297 39.32 8.92 -22.93
N ARG B 1 5.59 21.60 21.90
CA ARG B 1 6.50 20.81 22.79
C ARG B 1 5.88 20.39 24.12
N VAL B 2 5.04 21.20 24.76
CA VAL B 2 4.36 20.89 26.03
C VAL B 2 2.86 20.63 25.79
N LEU B 3 2.27 19.58 26.36
CA LEU B 3 0.87 19.16 26.08
C LEU B 3 0.17 18.60 27.33
N GLN B 4 -1.11 18.94 27.51
CA GLN B 4 -2.03 18.28 28.47
C GLN B 4 -3.27 17.71 27.75
N LEU B 5 -3.57 16.45 28.01
CA LEU B 5 -4.76 15.73 27.54
C LEU B 5 -5.68 15.44 28.75
N LYS B 6 -6.99 15.69 28.64
CA LYS B 6 -7.98 15.49 29.72
C LYS B 6 -9.28 14.88 29.19
N LEU B 7 -9.57 13.65 29.58
CA LEU B 7 -10.80 12.91 29.22
C LEU B 7 -11.38 12.20 30.46
N GLY B 8 -12.68 12.32 30.72
CA GLY B 8 -13.34 11.77 31.90
C GLY B 8 -12.68 12.20 33.23
N ASN B 9 -12.36 11.22 34.08
CA ASN B 9 -11.61 11.40 35.33
C ASN B 9 -10.08 11.27 35.18
N SER B 10 -9.54 11.30 33.95
CA SER B 10 -8.12 11.03 33.65
C SER B 10 -7.42 12.21 32.96
N ALA B 11 -6.17 12.48 33.32
CA ALA B 11 -5.32 13.48 32.67
C ALA B 11 -3.88 13.00 32.44
N ILE B 12 -3.26 13.44 31.35
CA ILE B 12 -1.84 13.16 31.03
C ILE B 12 -1.15 14.50 30.72
N VAL B 13 0.04 14.72 31.28
CA VAL B 13 0.93 15.83 30.88
C VAL B 13 2.26 15.31 30.33
N THR B 14 2.83 16.03 29.38
CA THR B 14 4.18 15.79 28.83
C THR B 14 4.91 17.11 28.64
N GLN B 15 6.21 17.13 28.97
CA GLN B 15 7.07 18.30 28.78
C GLN B 15 7.98 18.17 27.53
N GLU B 16 7.95 17.05 26.80
CA GLU B 16 8.76 16.80 25.59
C GLU B 16 7.99 16.03 24.51
N ALA B 17 6.93 16.64 23.98
CA ALA B 17 6.16 16.19 22.82
C ALA B 17 6.68 16.79 21.48
N ALA B 18 6.17 16.30 20.36
CA ALA B 18 6.46 16.80 19.01
C ALA B 18 5.14 17.03 18.21
N ASN B 19 4.40 18.09 18.55
CA ASN B 19 3.02 18.33 18.06
C ASN B 19 2.13 17.09 18.37
N TYR B 20 1.10 16.80 17.58
CA TYR B 20 0.40 15.50 17.54
C TYR B 20 -0.24 15.25 16.16
N CYS B 21 -0.54 13.99 15.84
CA CYS B 21 -1.07 13.58 14.53
C CYS B 21 -2.59 13.31 14.58
N CYS B 22 -3.35 13.90 13.66
CA CYS B 22 -4.77 13.57 13.43
C CYS B 22 -4.86 12.73 12.14
N ALA B 23 -5.18 11.44 12.23
CA ALA B 23 -5.15 10.53 11.08
C ALA B 23 -6.01 11.03 9.89
N TYR B 24 -5.39 11.14 8.71
CA TYR B 24 -5.98 11.68 7.48
C TYR B 24 -6.60 13.10 7.63
N GLY B 25 -6.18 13.88 8.63
CA GLY B 25 -6.74 15.18 8.96
C GLY B 25 -8.16 15.16 9.55
N GLU B 26 -8.65 14.04 10.08
CA GLU B 26 -10.03 13.87 10.56
C GLU B 26 -10.10 13.65 12.08
N TRP B 27 -11.21 14.04 12.71
CA TRP B 27 -11.46 13.98 14.16
C TRP B 27 -12.68 13.08 14.48
N PRO B 28 -12.69 12.30 15.57
CA PRO B 28 -13.82 11.44 15.95
C PRO B 28 -15.18 12.15 16.08
N ASN B 29 -16.26 11.45 15.72
CA ASN B 29 -17.65 11.92 15.89
C ASN B 29 -18.64 10.76 16.03
N TYR B 30 -19.81 11.03 16.61
CA TYR B 30 -20.96 10.11 16.62
C TYR B 30 -21.56 9.89 15.21
N LEU B 31 -22.22 8.75 14.99
CA LEU B 31 -22.84 8.38 13.71
C LEU B 31 -24.10 9.23 13.38
N PRO B 32 -24.11 10.04 12.31
CA PRO B 32 -25.28 10.86 11.95
C PRO B 32 -26.45 10.04 11.38
N ASP B 33 -27.66 10.58 11.45
CA ASP B 33 -28.91 9.90 11.04
C ASP B 33 -28.96 9.54 9.53
N HIS B 34 -28.25 10.28 8.67
CA HIS B 34 -28.16 9.97 7.23
C HIS B 34 -27.13 8.88 6.89
N GLU B 35 -26.35 8.38 7.84
CA GLU B 35 -25.43 7.24 7.64
C GLU B 35 -25.83 5.99 8.44
N ALA B 36 -26.81 6.09 9.35
CA ALA B 36 -27.21 5.02 10.26
C ALA B 36 -27.95 3.84 9.58
N VAL B 37 -27.88 2.66 10.20
CA VAL B 37 -28.50 1.41 9.74
C VAL B 37 -29.41 0.76 10.80
N ALA B 38 -28.90 0.46 12.00
CA ALA B 38 -29.68 -0.16 13.08
C ALA B 38 -30.70 0.82 13.69
N ILE B 39 -31.94 0.37 13.91
CA ILE B 39 -33.05 1.29 14.27
C ILE B 39 -33.28 1.50 15.79
N ASP B 40 -32.72 0.66 16.67
CA ASP B 40 -32.82 0.81 18.13
C ASP B 40 -32.08 2.08 18.63
N LYS B 41 -32.56 2.71 19.70
CA LYS B 41 -31.85 3.84 20.33
C LYS B 41 -30.49 3.36 20.90
N PRO B 42 -29.35 3.95 20.52
CA PRO B 42 -28.02 3.51 20.96
C PRO B 42 -27.73 3.84 22.44
N THR B 43 -26.85 3.07 23.08
CA THR B 43 -26.22 3.42 24.37
C THR B 43 -25.02 4.36 24.11
N GLN B 44 -24.93 5.48 24.82
CA GLN B 44 -23.81 6.45 24.73
C GLN B 44 -23.26 6.78 26.15
N PRO B 45 -22.31 5.99 26.68
CA PRO B 45 -21.89 6.08 28.09
C PRO B 45 -21.10 7.35 28.49
N GLU B 46 -20.56 8.10 27.55
CA GLU B 46 -19.72 9.29 27.77
C GLU B 46 -18.53 9.01 28.73
N THR B 47 -18.44 9.65 29.89
CA THR B 47 -17.25 9.57 30.77
C THR B 47 -16.99 8.19 31.38
N ALA B 48 -17.94 7.26 31.38
CA ALA B 48 -17.70 5.88 31.83
C ALA B 48 -16.75 5.10 30.89
N THR B 49 -16.78 5.37 29.58
CA THR B 49 -15.96 4.66 28.57
C THR B 49 -14.90 5.55 27.92
N ASP B 50 -15.12 6.85 27.85
CA ASP B 50 -14.25 7.77 27.08
C ASP B 50 -13.21 8.43 28.00
N ARG B 51 -12.17 7.66 28.36
CA ARG B 51 -11.12 7.96 29.35
C ARG B 51 -9.84 7.15 29.04
N PHE B 52 -8.67 7.53 29.54
CA PHE B 52 -7.43 6.75 29.33
C PHE B 52 -7.40 5.43 30.12
N TYR B 53 -7.09 4.33 29.44
CA TYR B 53 -6.69 3.05 30.03
C TYR B 53 -5.20 2.80 29.75
N THR B 54 -4.42 2.37 30.74
CA THR B 54 -2.98 2.06 30.59
C THR B 54 -2.72 0.55 30.61
N LEU B 55 -2.02 0.04 29.60
CA LEU B 55 -1.66 -1.38 29.44
C LEU B 55 -0.38 -1.76 30.24
N ARG B 56 0.01 -3.03 30.33
CA ARG B 56 1.33 -3.43 30.89
C ARG B 56 2.48 -2.80 30.10
N SER B 57 3.51 -2.30 30.77
CA SER B 57 4.71 -1.79 30.07
C SER B 57 5.57 -2.95 29.50
N VAL B 58 6.37 -2.69 28.46
CA VAL B 58 7.34 -3.65 27.87
C VAL B 58 8.78 -3.12 27.97
N LYS B 59 9.79 -3.99 28.03
CA LYS B 59 11.21 -3.61 28.17
C LYS B 59 11.91 -3.46 26.81
N TRP B 60 12.56 -2.33 26.53
CA TRP B 60 13.36 -2.14 25.31
C TRP B 60 14.76 -2.74 25.49
N GLU B 61 15.04 -3.86 24.82
CA GLU B 61 16.30 -4.60 24.92
C GLU B 61 17.17 -4.40 23.65
N ALA B 62 18.46 -4.71 23.73
CA ALA B 62 19.37 -4.57 22.60
C ALA B 62 18.94 -5.38 21.35
N GLY B 63 18.37 -6.57 21.55
CA GLY B 63 17.89 -7.46 20.49
C GLY B 63 16.40 -7.36 20.13
N SER B 64 15.63 -6.40 20.66
CA SER B 64 14.18 -6.30 20.41
C SER B 64 13.82 -6.11 18.93
N THR B 65 12.77 -6.79 18.45
CA THR B 65 12.26 -6.64 17.07
C THR B 65 11.13 -5.63 16.93
N GLY B 66 10.38 -5.33 18.00
CA GLY B 66 9.21 -4.44 17.99
C GLY B 66 7.93 -5.14 18.47
N TRP B 67 6.88 -4.35 18.72
CA TRP B 67 5.67 -4.79 19.43
C TRP B 67 4.40 -4.32 18.69
N TRP B 68 3.29 -5.04 18.87
CA TRP B 68 1.99 -4.67 18.29
C TRP B 68 0.77 -5.00 19.18
N TRP B 69 -0.29 -4.20 19.06
CA TRP B 69 -1.61 -4.40 19.71
C TRP B 69 -2.74 -4.14 18.70
N LYS B 70 -3.83 -4.91 18.76
CA LYS B 70 -5.01 -4.79 17.88
C LYS B 70 -6.21 -4.16 18.61
N LEU B 71 -6.92 -3.24 17.97
CA LEU B 71 -8.07 -2.53 18.53
C LEU B 71 -9.37 -2.85 17.76
N PRO B 72 -10.49 -3.16 18.44
CA PRO B 72 -10.71 -3.04 19.88
C PRO B 72 -10.21 -4.21 20.76
N ASP B 73 -9.64 -5.29 20.21
CA ASP B 73 -9.30 -6.51 20.97
C ASP B 73 -8.55 -6.27 22.30
N ALA B 74 -7.51 -5.42 22.33
CA ALA B 74 -6.74 -5.15 23.55
C ALA B 74 -7.55 -4.50 24.70
N LEU B 75 -8.71 -3.86 24.43
CA LEU B 75 -9.57 -3.24 25.45
C LEU B 75 -10.85 -4.04 25.79
N ASN B 76 -11.17 -5.11 25.07
CA ASN B 76 -12.46 -5.82 25.18
C ASN B 76 -12.77 -6.45 26.56
N ASN B 77 -11.79 -6.54 27.47
CA ASN B 77 -11.98 -7.00 28.86
C ASN B 77 -11.64 -5.94 29.93
N ILE B 78 -11.49 -4.64 29.60
CA ILE B 78 -11.05 -3.60 30.55
C ILE B 78 -12.21 -2.65 30.93
N GLY B 79 -12.47 -2.54 32.24
CA GLY B 79 -13.39 -1.55 32.82
C GLY B 79 -14.83 -1.57 32.26
N MET B 80 -15.50 -0.43 32.28
CA MET B 80 -16.85 -0.27 31.70
C MET B 80 -16.88 -0.32 30.17
N PHE B 81 -15.76 -0.08 29.45
CA PHE B 81 -15.68 -0.34 28.01
C PHE B 81 -15.87 -1.83 27.72
N GLY B 82 -15.13 -2.70 28.42
CA GLY B 82 -15.27 -4.16 28.31
C GLY B 82 -16.67 -4.66 28.67
N GLN B 83 -17.31 -4.12 29.73
CA GLN B 83 -18.67 -4.52 30.09
C GLN B 83 -19.70 -4.14 29.02
N ASN B 84 -19.66 -2.94 28.45
CA ASN B 84 -20.54 -2.57 27.33
C ASN B 84 -20.30 -3.43 26.08
N VAL B 85 -19.05 -3.75 25.74
CA VAL B 85 -18.72 -4.69 24.64
C VAL B 85 -19.35 -6.07 24.88
N GLN B 86 -19.26 -6.63 26.07
CA GLN B 86 -19.77 -7.98 26.36
C GLN B 86 -21.31 -8.10 26.29
N HIS B 87 -22.07 -7.04 26.58
CA HIS B 87 -23.54 -7.04 26.60
C HIS B 87 -24.24 -6.55 25.31
N HIS B 88 -23.51 -6.04 24.31
CA HIS B 88 -24.10 -5.53 23.05
C HIS B 88 -23.58 -6.29 21.82
N TYR B 89 -24.44 -6.50 20.82
CA TYR B 89 -24.02 -7.05 19.53
C TYR B 89 -23.15 -6.07 18.70
N LEU B 90 -23.42 -4.76 18.70
CA LEU B 90 -22.71 -3.79 17.85
C LEU B 90 -21.96 -2.72 18.65
N TYR B 91 -20.83 -2.27 18.10
CA TYR B 91 -19.95 -1.23 18.65
C TYR B 91 -19.45 -0.26 17.55
N ARG B 92 -19.11 0.97 17.94
CA ARG B 92 -18.39 1.98 17.15
C ARG B 92 -17.62 2.95 18.07
N SER B 93 -16.37 3.31 17.76
CA SER B 93 -15.63 4.44 18.39
C SER B 93 -14.42 4.92 17.57
N GLY B 94 -13.91 6.12 17.87
CA GLY B 94 -12.52 6.50 17.60
C GLY B 94 -11.59 6.13 18.76
N PHE B 95 -10.32 6.56 18.70
CA PHE B 95 -9.31 6.43 19.77
C PHE B 95 -8.32 7.61 19.81
N LEU B 96 -7.78 7.91 20.99
CA LEU B 96 -6.60 8.76 21.21
C LEU B 96 -5.51 7.92 21.88
N ILE B 97 -4.38 7.75 21.20
CA ILE B 97 -3.25 6.90 21.61
C ILE B 97 -2.08 7.77 22.08
N HIS B 98 -1.52 7.50 23.26
CA HIS B 98 -0.33 8.17 23.80
C HIS B 98 0.76 7.17 24.21
N VAL B 99 1.93 7.23 23.56
CA VAL B 99 3.06 6.30 23.75
C VAL B 99 4.21 7.01 24.47
N GLN B 100 4.71 6.42 25.56
CA GLN B 100 5.66 7.04 26.51
C GLN B 100 6.99 6.26 26.61
N CYS B 101 8.14 6.92 26.44
CA CYS B 101 9.47 6.35 26.65
C CYS B 101 10.55 7.44 26.90
N ASN B 102 11.22 7.42 28.06
CA ASN B 102 12.28 8.37 28.45
C ASN B 102 13.62 7.67 28.73
N ALA B 103 14.73 8.39 28.57
CA ALA B 103 16.10 7.95 28.85
C ALA B 103 17.00 9.19 29.10
N THR B 104 18.30 9.02 29.41
CA THR B 104 19.19 10.18 29.67
C THR B 104 19.67 10.88 28.38
N LYS B 105 20.25 12.08 28.53
CA LYS B 105 21.01 12.79 27.48
C LYS B 105 22.23 12.01 26.94
N PHE B 106 22.69 10.94 27.61
CA PHE B 106 23.72 10.01 27.13
C PHE B 106 23.17 8.77 26.38
N HIS B 107 21.86 8.52 26.33
CA HIS B 107 21.27 7.43 25.54
C HIS B 107 21.00 7.85 24.09
N GLN B 108 20.96 6.88 23.18
CA GLN B 108 20.52 7.05 21.79
C GLN B 108 19.58 5.91 21.36
N GLY B 109 18.70 6.16 20.39
CA GLY B 109 17.72 5.21 19.86
C GLY B 109 16.56 5.91 19.16
N ALA B 110 15.88 5.24 18.21
CA ALA B 110 14.69 5.76 17.56
C ALA B 110 13.60 4.69 17.32
N LEU B 111 12.36 5.01 17.70
CA LEU B 111 11.16 4.20 17.50
C LEU B 111 10.25 4.81 16.43
N LEU B 112 9.80 4.01 15.46
CA LEU B 112 8.63 4.34 14.64
C LEU B 112 7.34 3.94 15.37
N VAL B 113 6.41 4.89 15.56
CA VAL B 113 5.08 4.63 16.15
C VAL B 113 4.03 4.84 15.04
N VAL B 114 3.36 3.77 14.62
CA VAL B 114 2.47 3.78 13.44
C VAL B 114 1.14 3.07 13.69
N ALA B 115 0.03 3.65 13.22
CA ALA B 115 -1.30 3.04 13.26
C ALA B 115 -1.70 2.51 11.89
N ILE B 116 -1.89 1.19 11.76
CA ILE B 116 -2.16 0.53 10.49
C ILE B 116 -3.64 0.12 10.40
N PRO B 117 -4.40 0.59 9.40
CA PRO B 117 -5.78 0.16 9.18
C PRO B 117 -5.82 -1.22 8.49
N GLU B 118 -6.68 -2.13 8.94
CA GLU B 118 -6.81 -3.49 8.37
C GLU B 118 -5.44 -4.19 8.20
N HIS B 119 -4.66 -4.33 9.28
CA HIS B 119 -3.36 -5.02 9.22
C HIS B 119 -3.52 -6.56 9.20
N GLN B 120 -3.82 -7.11 8.03
CA GLN B 120 -3.99 -8.54 7.81
C GLN B 120 -2.62 -9.24 7.74
N ARG B 121 -2.22 -9.97 8.78
CA ARG B 121 -0.88 -10.59 8.90
C ARG B 121 -0.71 -11.79 7.95
N GLY B 122 0.51 -12.07 7.51
CA GLY B 122 0.90 -13.31 6.83
C GLY B 122 1.75 -14.23 7.72
N ALA B 123 1.73 -15.54 7.47
CA ALA B 123 2.69 -16.47 8.06
C ALA B 123 3.94 -16.64 7.17
N HIS B 124 5.07 -17.03 7.79
CA HIS B 124 6.36 -17.22 7.10
C HIS B 124 6.54 -18.69 6.66
N ASN B 125 6.96 -18.90 5.42
CA ASN B 125 7.41 -20.18 4.86
C ASN B 125 6.40 -21.35 4.96
N THR B 126 5.11 -21.09 4.77
CA THR B 126 4.03 -22.10 4.73
C THR B 126 2.85 -21.63 3.87
N ASN B 127 2.06 -22.55 3.31
CA ASN B 127 0.82 -22.20 2.60
C ASN B 127 -0.39 -21.97 3.53
N THR B 128 -0.35 -22.42 4.79
CA THR B 128 -1.48 -22.35 5.73
C THR B 128 -1.67 -20.96 6.34
N SER B 129 -2.89 -20.45 6.38
CA SER B 129 -3.19 -19.13 6.98
C SER B 129 -2.97 -19.10 8.51
N PRO B 130 -2.62 -17.94 9.11
CA PRO B 130 -2.56 -17.75 10.57
C PRO B 130 -3.83 -18.23 11.30
N GLY B 131 -3.67 -18.86 12.45
CA GLY B 131 -4.77 -19.33 13.32
C GLY B 131 -5.34 -18.24 14.23
N PHE B 132 -6.47 -18.52 14.89
CA PHE B 132 -7.15 -17.59 15.80
C PHE B 132 -6.23 -17.08 16.92
N ASP B 133 -5.44 -17.97 17.53
CA ASP B 133 -4.48 -17.65 18.60
C ASP B 133 -3.20 -16.93 18.13
N ASP B 134 -2.87 -16.95 16.83
CA ASP B 134 -1.81 -16.09 16.29
C ASP B 134 -2.26 -14.62 16.24
N ILE B 135 -3.57 -14.37 16.07
CA ILE B 135 -4.13 -13.05 15.82
C ILE B 135 -4.69 -12.39 17.10
N MET B 136 -5.51 -13.11 17.87
CA MET B 136 -6.25 -12.55 19.02
C MET B 136 -5.44 -12.64 20.32
N LYS B 137 -4.52 -11.70 20.54
CA LYS B 137 -3.63 -11.65 21.72
C LYS B 137 -4.22 -10.94 22.95
N GLY B 138 -5.28 -10.15 22.80
CA GLY B 138 -5.84 -9.36 23.90
C GLY B 138 -4.85 -8.32 24.45
N GLU B 139 -4.97 -8.00 25.73
CA GLU B 139 -4.24 -6.92 26.41
C GLU B 139 -2.70 -7.04 26.30
N GLU B 140 -2.15 -8.26 26.25
CA GLU B 140 -0.69 -8.49 26.15
C GLU B 140 -0.07 -8.07 24.81
N GLY B 141 -0.85 -8.01 23.72
CA GLY B 141 -0.32 -7.79 22.37
C GLY B 141 0.64 -8.89 21.89
N GLY B 142 1.40 -8.61 20.83
CA GLY B 142 2.40 -9.52 20.26
C GLY B 142 3.71 -8.81 19.88
N THR B 143 4.62 -9.55 19.25
CA THR B 143 5.92 -9.06 18.72
C THR B 143 6.06 -9.32 17.22
N PHE B 144 6.80 -8.49 16.50
CA PHE B 144 7.07 -8.71 15.06
C PHE B 144 8.06 -9.87 14.84
N ASN B 145 7.76 -10.77 13.90
CA ASN B 145 8.67 -11.84 13.47
C ASN B 145 9.75 -11.33 12.50
N HIS B 146 9.35 -10.53 11.52
CA HIS B 146 10.14 -9.95 10.43
C HIS B 146 9.71 -8.50 10.19
N PRO B 147 10.09 -7.55 11.08
CA PRO B 147 9.62 -6.17 11.00
C PRO B 147 10.02 -5.46 9.70
N TYR B 148 11.14 -5.84 9.08
CA TYR B 148 11.62 -5.31 7.78
C TYR B 148 10.60 -5.46 6.64
N VAL B 149 9.70 -6.45 6.71
CA VAL B 149 8.57 -6.65 5.76
C VAL B 149 7.19 -6.57 6.44
N LEU B 150 7.11 -5.93 7.62
CA LEU B 150 5.89 -5.73 8.42
C LEU B 150 5.08 -7.01 8.72
N ASP B 151 5.68 -8.21 8.70
CA ASP B 151 4.98 -9.50 8.80
C ASP B 151 3.83 -9.70 7.75
N ASP B 152 3.87 -9.04 6.60
CA ASP B 152 2.85 -9.18 5.54
C ASP B 152 3.41 -9.18 4.10
N GLY B 153 4.73 -9.33 3.96
CA GLY B 153 5.42 -9.33 2.66
C GLY B 153 5.49 -7.96 1.96
N THR B 154 5.23 -6.85 2.66
CA THR B 154 5.37 -5.49 2.09
C THR B 154 6.70 -4.87 2.53
N SER B 155 6.76 -3.66 3.11
CA SER B 155 8.01 -3.11 3.66
C SER B 155 7.83 -2.10 4.79
N LEU B 156 8.79 -2.10 5.71
CA LEU B 156 8.95 -1.07 6.73
C LEU B 156 9.29 0.31 6.14
N ALA B 157 10.13 0.36 5.10
CA ALA B 157 10.59 1.63 4.50
C ALA B 157 9.46 2.52 3.99
N CYS B 158 8.40 1.93 3.41
CA CYS B 158 7.20 2.63 2.93
C CYS B 158 6.08 2.79 3.99
N ALA B 159 6.25 2.32 5.24
CA ALA B 159 5.22 2.39 6.29
C ALA B 159 4.78 3.82 6.66
N THR B 160 5.60 4.83 6.34
CA THR B 160 5.29 6.27 6.50
C THR B 160 4.08 6.77 5.70
N ILE B 161 3.50 5.97 4.79
CA ILE B 161 2.21 6.30 4.14
C ILE B 161 1.03 6.26 5.12
N PHE B 162 1.12 5.50 6.22
CA PHE B 162 0.13 5.46 7.31
C PHE B 162 0.31 6.57 8.38
N PRO B 163 -0.73 6.91 9.18
CA PRO B 163 -0.62 7.82 10.32
C PRO B 163 0.47 7.39 11.31
N HIS B 164 1.44 8.26 11.60
CA HIS B 164 2.63 7.93 12.38
C HIS B 164 3.30 9.13 13.06
N GLN B 165 4.13 8.88 14.07
CA GLN B 165 5.13 9.78 14.66
C GLN B 165 6.42 8.99 14.97
N TRP B 166 7.52 9.68 15.33
CA TRP B 166 8.72 9.03 15.87
C TRP B 166 9.01 9.44 17.31
N ILE B 167 9.62 8.56 18.10
CA ILE B 167 10.31 8.93 19.33
C ILE B 167 11.82 8.81 19.04
N ASN B 168 12.51 9.95 18.98
CA ASN B 168 13.97 10.04 18.80
C ASN B 168 14.55 10.54 20.13
N LEU B 169 15.35 9.72 20.82
CA LEU B 169 15.63 9.96 22.24
C LEU B 169 16.34 11.29 22.54
N ARG B 170 17.14 11.85 21.61
CA ARG B 170 17.71 13.21 21.75
C ARG B 170 16.70 14.36 21.60
N THR B 171 15.51 14.12 21.03
CA THR B 171 14.51 15.13 20.67
C THR B 171 13.29 15.14 21.60
N ASN B 172 12.65 13.99 21.83
CA ASN B 172 11.32 13.89 22.45
C ASN B 172 11.16 12.61 23.29
N ASN B 173 10.21 12.58 24.23
CA ASN B 173 9.95 11.40 25.10
C ASN B 173 8.54 10.80 24.97
N SER B 174 7.74 11.28 24.01
CA SER B 174 6.36 10.82 23.79
C SER B 174 5.88 11.02 22.34
N ALA B 175 4.88 10.24 21.93
CA ALA B 175 4.17 10.34 20.65
C ALA B 175 2.64 10.29 20.86
N THR B 176 1.86 11.04 20.08
CA THR B 176 0.39 11.12 20.21
C THR B 176 -0.31 11.04 18.84
N ILE B 177 -1.33 10.18 18.72
CA ILE B 177 -2.09 9.97 17.49
C ILE B 177 -3.60 9.92 17.79
N VAL B 178 -4.42 10.64 17.01
CA VAL B 178 -5.89 10.65 17.07
C VAL B 178 -6.46 9.90 15.87
N LEU B 179 -7.31 8.90 16.10
CA LEU B 179 -7.87 7.99 15.10
C LEU B 179 -9.41 8.12 14.99
N PRO B 180 -9.97 8.40 13.80
CA PRO B 180 -11.41 8.31 13.55
C PRO B 180 -11.89 6.85 13.42
N TRP B 181 -13.21 6.62 13.38
CA TRP B 181 -13.77 5.36 12.89
C TRP B 181 -13.31 5.07 11.44
N MET B 182 -12.85 3.86 11.18
CA MET B 182 -12.26 3.46 9.90
C MET B 182 -12.71 2.03 9.53
N ASN B 183 -13.80 1.93 8.75
CA ASN B 183 -14.42 0.66 8.35
C ASN B 183 -15.29 0.88 7.08
N ALA B 184 -15.60 -0.16 6.33
CA ALA B 184 -16.53 -0.09 5.21
C ALA B 184 -18.01 -0.05 5.65
N ALA B 185 -18.33 -0.50 6.87
CA ALA B 185 -19.66 -0.47 7.48
C ALA B 185 -19.75 0.58 8.61
N PRO B 186 -20.94 1.12 8.94
CA PRO B 186 -21.07 2.15 9.98
C PRO B 186 -20.85 1.65 11.43
N MET B 187 -21.08 0.37 11.72
CA MET B 187 -20.84 -0.29 13.02
C MET B 187 -20.33 -1.73 12.79
N ASP B 188 -19.76 -2.39 13.80
CA ASP B 188 -19.28 -3.78 13.67
C ASP B 188 -19.40 -4.62 14.97
N PHE B 189 -19.33 -5.94 14.84
CA PHE B 189 -19.25 -6.89 15.95
C PHE B 189 -17.82 -6.91 16.54
N PRO B 190 -17.59 -6.44 17.78
CA PRO B 190 -16.24 -6.15 18.29
C PRO B 190 -15.36 -7.38 18.58
N LEU B 191 -15.93 -8.59 18.72
CA LEU B 191 -15.20 -9.81 19.07
C LEU B 191 -14.55 -10.55 17.88
N ARG B 192 -14.71 -10.09 16.63
CA ARG B 192 -14.27 -10.82 15.41
C ARG B 192 -13.53 -10.00 14.34
N HIS B 193 -13.54 -8.66 14.36
CA HIS B 193 -12.86 -7.78 13.40
C HIS B 193 -12.14 -6.64 14.16
N ASN B 194 -10.90 -6.30 13.78
CA ASN B 194 -10.15 -5.17 14.36
C ASN B 194 -9.91 -4.07 13.31
N GLN B 195 -10.35 -2.84 13.56
CA GLN B 195 -10.19 -1.73 12.61
C GLN B 195 -8.72 -1.26 12.49
N TRP B 196 -8.00 -1.18 13.60
CA TRP B 196 -6.65 -0.60 13.68
C TRP B 196 -5.66 -1.54 14.39
N THR B 197 -4.40 -1.50 13.98
CA THR B 197 -3.25 -2.09 14.69
C THR B 197 -2.22 -1.02 15.05
N LEU B 198 -1.88 -0.87 16.32
CA LEU B 198 -0.75 -0.05 16.78
C LEU B 198 0.54 -0.87 16.69
N ALA B 199 1.56 -0.36 15.99
CA ALA B 199 2.89 -0.96 15.91
C ALA B 199 3.98 -0.01 16.40
N ILE B 200 4.91 -0.52 17.22
CA ILE B 200 6.08 0.18 17.72
C ILE B 200 7.35 -0.59 17.31
N ILE B 201 8.22 0.00 16.48
CA ILE B 201 9.39 -0.70 15.89
C ILE B 201 10.70 0.08 16.12
N PRO B 202 11.74 -0.52 16.74
CA PRO B 202 13.02 0.15 17.00
C PRO B 202 13.93 0.16 15.76
N VAL B 203 13.79 1.16 14.89
CA VAL B 203 14.59 1.28 13.66
C VAL B 203 16.07 1.60 13.95
N VAL B 204 16.36 2.43 14.96
CA VAL B 204 17.72 2.61 15.49
C VAL B 204 17.77 2.05 16.92
N PRO B 205 18.61 1.04 17.20
CA PRO B 205 18.59 0.32 18.48
C PRO B 205 19.08 1.19 19.65
N LEU B 206 18.60 0.87 20.86
CA LEU B 206 19.01 1.53 22.09
C LEU B 206 20.52 1.37 22.35
N GLY B 207 21.23 2.45 22.69
CA GLY B 207 22.66 2.39 23.02
C GLY B 207 23.12 3.49 23.98
N THR B 208 24.13 3.20 24.79
CA THR B 208 24.85 4.14 25.68
C THR B 208 26.17 3.54 26.18
N ARG B 209 27.09 4.35 26.73
CA ARG B 209 28.20 3.88 27.57
C ARG B 209 28.05 4.27 29.06
N THR B 210 26.97 4.92 29.49
CA THR B 210 26.71 5.22 30.92
C THR B 210 26.20 3.99 31.70
N MET B 211 25.88 4.14 32.99
CA MET B 211 25.26 3.12 33.85
C MET B 211 24.04 2.47 33.19
N SER B 212 23.95 1.14 33.20
CA SER B 212 22.80 0.41 32.64
C SER B 212 21.55 0.52 33.54
N SER B 213 20.41 0.82 32.93
CA SER B 213 19.08 0.84 33.58
C SER B 213 18.06 0.16 32.66
N MET B 214 17.02 -0.42 33.24
CA MET B 214 15.88 -0.93 32.49
C MET B 214 15.08 0.23 31.87
N VAL B 215 14.84 0.21 30.56
CA VAL B 215 14.15 1.28 29.81
C VAL B 215 12.81 0.75 29.28
N PRO B 216 11.69 0.98 29.99
CA PRO B 216 10.38 0.52 29.52
C PRO B 216 9.77 1.44 28.46
N ILE B 217 8.80 0.90 27.71
CA ILE B 217 7.87 1.61 26.83
C ILE B 217 6.43 1.38 27.36
N THR B 218 5.63 2.44 27.46
CA THR B 218 4.28 2.38 28.04
C THR B 218 3.22 2.96 27.11
N VAL B 219 2.09 2.29 26.98
CA VAL B 219 0.97 2.64 26.09
C VAL B 219 -0.29 2.99 26.88
N SER B 220 -0.86 4.18 26.65
CA SER B 220 -2.17 4.60 27.17
C SER B 220 -3.14 4.91 26.03
N ILE B 221 -4.35 4.38 26.08
CA ILE B 221 -5.36 4.49 25.00
C ILE B 221 -6.70 4.96 25.58
N ALA B 222 -7.31 5.98 24.97
CA ALA B 222 -8.66 6.43 25.30
C ALA B 222 -9.62 6.23 24.12
N PRO B 223 -10.70 5.45 24.26
CA PRO B 223 -11.82 5.44 23.32
C PRO B 223 -12.47 6.84 23.21
N MET B 224 -12.98 7.22 22.05
CA MET B 224 -13.67 8.51 21.82
C MET B 224 -15.02 8.32 21.09
N CYS B 225 -16.06 9.02 21.54
CA CYS B 225 -17.42 8.94 20.99
C CYS B 225 -17.96 7.49 20.93
N CYS B 226 -17.80 6.68 21.99
CA CYS B 226 -18.31 5.29 21.99
C CYS B 226 -19.84 5.22 21.81
N GLU B 227 -20.31 4.30 20.98
CA GLU B 227 -21.73 3.93 20.84
C GLU B 227 -21.92 2.41 20.78
N PHE B 228 -23.01 1.89 21.36
CA PHE B 228 -23.36 0.47 21.34
C PHE B 228 -24.85 0.23 20.99
N ASN B 229 -25.15 -0.83 20.25
CA ASN B 229 -26.52 -1.21 19.81
C ASN B 229 -26.77 -2.73 19.96
N GLY B 230 -28.03 -3.16 20.04
CA GLY B 230 -28.39 -4.57 20.18
C GLY B 230 -28.06 -5.17 21.54
N LEU B 231 -28.63 -4.62 22.61
CA LEU B 231 -28.49 -5.08 24.00
C LEU B 231 -29.06 -6.50 24.21
N ARG B 232 -28.36 -7.33 25.00
CA ARG B 232 -28.73 -8.70 25.41
C ARG B 232 -27.86 -9.16 26.60
N HIS B 233 -27.92 -10.45 26.94
CA HIS B 233 -27.04 -11.08 27.94
C HIS B 233 -25.55 -11.08 27.52
N ALA B 234 -24.67 -11.20 28.50
CA ALA B 234 -23.22 -11.13 28.31
C ALA B 234 -22.66 -12.34 27.56
N ILE B 235 -21.76 -12.08 26.60
CA ILE B 235 -20.83 -13.05 26.00
C ILE B 235 -19.42 -12.48 26.11
N THR B 236 -18.47 -13.28 26.59
CA THR B 236 -17.03 -12.98 26.60
C THR B 236 -16.35 -13.53 25.33
N GLN B 237 -15.08 -13.19 25.12
CA GLN B 237 -14.19 -14.06 24.33
C GLN B 237 -13.92 -15.40 25.04
N GLY C 1 -33.67 1.44 -44.63
CA GLY C 1 -32.69 1.51 -43.52
C GLY C 1 -31.55 2.46 -43.82
N VAL C 2 -30.61 2.61 -42.89
CA VAL C 2 -29.40 3.45 -43.07
C VAL C 2 -28.32 2.69 -43.86
N PRO C 3 -27.77 3.24 -44.97
CA PRO C 3 -26.60 2.66 -45.65
C PRO C 3 -25.33 2.86 -44.82
N THR C 4 -24.54 1.80 -44.64
CA THR C 4 -23.36 1.78 -43.76
C THR C 4 -22.20 1.00 -44.40
N TYR C 5 -20.98 1.20 -43.90
CA TYR C 5 -19.84 0.34 -44.21
C TYR C 5 -18.86 0.21 -43.02
N LEU C 6 -18.18 -0.92 -42.92
CA LEU C 6 -17.26 -1.24 -41.82
C LEU C 6 -15.85 -0.73 -42.09
N LEU C 7 -15.22 -0.12 -41.09
CA LEU C 7 -13.81 0.33 -41.10
C LEU C 7 -12.81 -0.76 -40.69
N PRO C 8 -11.52 -0.66 -41.09
CA PRO C 8 -10.41 -1.31 -40.39
C PRO C 8 -10.48 -1.06 -38.88
N GLY C 9 -10.16 -2.09 -38.09
CA GLY C 9 -10.40 -2.13 -36.63
C GLY C 9 -11.75 -2.70 -36.18
N SER C 10 -12.74 -2.91 -37.07
CA SER C 10 -14.04 -3.50 -36.69
C SER C 10 -13.90 -4.88 -36.04
N GLY C 11 -14.59 -5.09 -34.92
CA GLY C 11 -14.59 -6.36 -34.17
C GLY C 11 -13.36 -6.65 -33.29
N GLN C 12 -12.29 -5.84 -33.34
CA GLN C 12 -11.11 -6.04 -32.48
C GLN C 12 -11.45 -5.81 -30.99
N PHE C 13 -10.68 -6.41 -30.09
CA PHE C 13 -10.70 -6.12 -28.64
C PHE C 13 -9.38 -5.47 -28.22
N LEU C 14 -9.43 -4.19 -27.87
CA LEU C 14 -8.30 -3.39 -27.38
C LEU C 14 -8.45 -3.20 -25.86
N THR C 15 -7.47 -3.58 -25.06
CA THR C 15 -7.60 -3.58 -23.59
C THR C 15 -7.69 -2.19 -22.96
N THR C 16 -7.26 -1.13 -23.65
CA THR C 16 -7.39 0.28 -23.23
C THR C 16 -8.60 1.02 -23.84
N ASP C 17 -9.57 0.31 -24.43
CA ASP C 17 -10.81 0.92 -24.96
C ASP C 17 -11.71 1.59 -23.89
N ASP C 18 -12.66 2.42 -24.32
CA ASP C 18 -13.58 3.13 -23.41
C ASP C 18 -14.96 3.33 -24.02
N HIS C 19 -15.87 2.37 -23.79
CA HIS C 19 -17.24 2.32 -24.31
C HIS C 19 -18.22 1.90 -23.22
N SER C 20 -19.51 2.23 -23.36
CA SER C 20 -20.59 1.62 -22.58
C SER C 20 -20.79 0.15 -22.94
N SER C 21 -21.36 -0.67 -22.04
CA SER C 21 -21.67 -2.09 -22.29
C SER C 21 -22.85 -2.61 -21.44
N ALA C 22 -23.50 -3.68 -21.90
CA ALA C 22 -24.79 -4.11 -21.38
C ALA C 22 -24.81 -4.46 -19.87
N PRO C 23 -25.75 -3.91 -19.08
CA PRO C 23 -25.86 -4.23 -17.66
C PRO C 23 -26.40 -5.65 -17.45
N VAL C 24 -25.74 -6.45 -16.60
CA VAL C 24 -26.17 -7.84 -16.27
C VAL C 24 -27.45 -7.88 -15.43
N LEU C 25 -27.57 -6.98 -14.45
CA LEU C 25 -28.66 -6.91 -13.46
C LEU C 25 -29.51 -5.64 -13.65
N PRO C 26 -30.59 -5.67 -14.45
CA PRO C 26 -31.45 -4.50 -14.64
C PRO C 26 -32.17 -4.10 -13.35
N CYS C 27 -32.43 -2.79 -13.16
CA CYS C 27 -33.09 -2.22 -11.98
C CYS C 27 -32.36 -2.44 -10.64
N PHE C 28 -31.09 -2.82 -10.63
CA PHE C 28 -30.29 -3.02 -9.41
C PHE C 28 -29.99 -1.69 -8.70
N ASN C 29 -30.08 -1.64 -7.37
CA ASN C 29 -29.81 -0.46 -6.55
C ASN C 29 -28.55 -0.68 -5.68
N PRO C 30 -27.38 -0.12 -6.05
CA PRO C 30 -26.16 -0.26 -5.26
C PRO C 30 -26.28 0.39 -3.88
N THR C 31 -25.49 -0.10 -2.92
CA THR C 31 -25.51 0.36 -1.52
C THR C 31 -25.18 1.87 -1.44
N PRO C 32 -25.89 2.68 -0.63
CA PRO C 32 -25.58 4.09 -0.43
C PRO C 32 -24.11 4.35 -0.09
N GLU C 33 -23.53 5.41 -0.65
CA GLU C 33 -22.22 5.89 -0.23
C GLU C 33 -22.25 6.42 1.22
N MET C 34 -21.16 6.25 1.95
CA MET C 34 -20.92 6.93 3.24
C MET C 34 -19.50 7.49 3.24
N HIS C 35 -19.21 8.49 4.08
CA HIS C 35 -17.86 9.05 4.17
C HIS C 35 -16.86 8.05 4.77
N ILE C 36 -15.69 7.91 4.16
CA ILE C 36 -14.55 7.11 4.65
C ILE C 36 -13.30 8.01 4.64
N PRO C 37 -12.48 8.04 5.71
CA PRO C 37 -11.23 8.81 5.74
C PRO C 37 -10.23 8.43 4.62
N GLY C 38 -9.38 9.36 4.19
CA GLY C 38 -8.19 9.04 3.39
C GLY C 38 -8.42 8.77 1.89
N GLN C 39 -9.42 9.38 1.24
CA GLN C 39 -9.62 9.23 -0.21
C GLN C 39 -8.42 9.75 -1.03
N VAL C 40 -8.02 9.02 -2.07
CA VAL C 40 -6.94 9.38 -3.01
C VAL C 40 -7.51 9.47 -4.45
N ARG C 41 -7.15 10.50 -5.22
CA ARG C 41 -7.70 10.78 -6.56
C ARG C 41 -6.65 10.89 -7.66
N ASN C 42 -5.40 11.23 -7.37
CA ASN C 42 -4.27 11.17 -8.29
C ASN C 42 -3.08 10.49 -7.61
N MET C 43 -2.40 9.56 -8.27
CA MET C 43 -1.23 8.86 -7.70
C MET C 43 -0.06 9.80 -7.38
N LEU C 44 -0.01 11.01 -7.94
CA LEU C 44 0.98 12.03 -7.55
C LEU C 44 0.80 12.53 -6.10
N GLU C 45 -0.37 12.34 -5.46
CA GLU C 45 -0.55 12.62 -4.04
C GLU C 45 0.30 11.68 -3.15
N VAL C 46 0.41 10.39 -3.50
CA VAL C 46 1.17 9.37 -2.75
C VAL C 46 2.68 9.60 -2.86
N VAL C 47 3.14 9.89 -4.07
CA VAL C 47 4.52 10.16 -4.47
C VAL C 47 5.18 11.35 -3.72
N GLN C 48 4.39 12.29 -3.20
CA GLN C 48 4.88 13.42 -2.41
C GLN C 48 5.18 13.10 -0.92
N VAL C 49 4.86 11.91 -0.41
CA VAL C 49 5.12 11.51 0.99
C VAL C 49 6.56 10.97 1.14
N GLU C 50 7.32 11.41 2.14
CA GLU C 50 8.65 10.85 2.47
C GLU C 50 8.62 9.34 2.82
N SER C 51 9.60 8.58 2.35
CA SER C 51 9.83 7.17 2.75
C SER C 51 11.33 6.84 2.79
N MET C 52 11.73 5.80 3.53
CA MET C 52 13.15 5.54 3.84
C MET C 52 13.94 4.97 2.65
N MET C 53 15.13 5.52 2.38
CA MET C 53 16.08 4.97 1.41
C MET C 53 16.87 3.77 1.99
N GLU C 54 17.16 2.74 1.19
CA GLU C 54 18.03 1.60 1.59
C GLU C 54 19.50 1.87 1.20
N ILE C 55 20.16 2.86 1.85
CA ILE C 55 21.52 3.31 1.51
C ILE C 55 22.58 2.24 1.79
N ASN C 56 22.40 1.43 2.84
CA ASN C 56 23.33 0.39 3.28
C ASN C 56 23.02 -0.98 2.63
N ASN C 57 22.89 -1.01 1.29
CA ASN C 57 22.64 -2.23 0.51
C ASN C 57 23.94 -3.03 0.30
N THR C 58 24.49 -3.61 1.38
CA THR C 58 25.78 -4.32 1.38
C THR C 58 25.64 -5.75 1.91
N GLU C 59 26.53 -6.66 1.53
CA GLU C 59 26.40 -8.10 1.80
C GLU C 59 26.27 -8.44 3.30
N SER C 60 26.95 -7.71 4.18
CA SER C 60 26.94 -7.94 5.63
C SER C 60 25.79 -7.26 6.40
N ALA C 61 24.99 -6.39 5.79
CA ALA C 61 23.84 -5.77 6.46
C ALA C 61 22.56 -6.59 6.27
N VAL C 62 21.92 -7.01 7.37
CA VAL C 62 20.77 -7.93 7.41
C VAL C 62 19.47 -7.24 7.86
N GLY C 63 18.40 -7.32 7.06
CA GLY C 63 17.08 -6.79 7.42
C GLY C 63 17.09 -5.28 7.72
N MET C 64 16.58 -4.87 8.89
CA MET C 64 16.49 -3.45 9.31
C MET C 64 17.84 -2.70 9.30
N GLU C 65 18.98 -3.39 9.44
CA GLU C 65 20.32 -2.77 9.36
C GLU C 65 20.59 -2.07 8.03
N ARG C 66 19.93 -2.48 6.94
CA ARG C 66 20.09 -1.90 5.61
C ARG C 66 19.49 -0.48 5.50
N LEU C 67 18.62 -0.08 6.45
CA LEU C 67 17.89 1.19 6.47
C LEU C 67 18.58 2.34 7.24
N LYS C 68 19.77 2.14 7.82
CA LYS C 68 20.55 3.18 8.54
C LYS C 68 22.03 3.20 8.14
N VAL C 69 22.66 4.37 8.24
CA VAL C 69 24.11 4.55 8.02
C VAL C 69 24.79 4.94 9.34
N ASP C 70 25.79 4.18 9.78
CA ASP C 70 26.54 4.46 11.00
C ASP C 70 27.77 5.34 10.71
N ILE C 71 28.01 6.35 11.55
CA ILE C 71 29.14 7.26 11.52
C ILE C 71 29.88 7.26 12.87
N SER C 72 31.19 7.51 12.83
CA SER C 72 32.07 7.51 14.01
C SER C 72 33.16 8.59 13.88
N ALA C 73 33.84 8.93 14.98
CA ALA C 73 34.90 9.92 14.98
C ALA C 73 36.09 9.47 14.09
N LEU C 74 36.69 10.41 13.34
CA LEU C 74 37.83 10.17 12.45
C LEU C 74 39.06 10.99 12.88
N THR C 75 40.27 10.52 12.52
CA THR C 75 41.55 11.20 12.85
C THR C 75 42.23 11.90 11.67
N ASP C 76 41.61 11.89 10.49
CA ASP C 76 42.02 12.64 9.28
C ASP C 76 40.91 13.63 8.90
N VAL C 77 41.27 14.80 8.37
CA VAL C 77 40.31 15.84 7.96
C VAL C 77 39.63 15.53 6.61
N ASP C 78 38.49 16.18 6.34
CA ASP C 78 37.81 16.24 5.03
C ASP C 78 37.26 14.89 4.45
N GLN C 79 37.11 13.83 5.23
CA GLN C 79 36.85 12.47 4.72
C GLN C 79 35.42 12.24 4.16
N LEU C 80 35.33 11.45 3.08
CA LEU C 80 34.10 10.93 2.48
C LEU C 80 33.40 9.92 3.43
N LEU C 81 32.08 10.03 3.60
CA LEU C 81 31.29 9.09 4.41
C LEU C 81 30.51 8.06 3.59
N PHE C 82 29.74 8.48 2.57
CA PHE C 82 28.95 7.61 1.67
C PHE C 82 28.55 8.35 0.38
N ASN C 83 28.08 7.61 -0.62
CA ASN C 83 27.45 8.15 -1.83
C ASN C 83 26.18 7.36 -2.26
N ILE C 84 25.30 8.01 -3.05
CA ILE C 84 24.00 7.48 -3.48
C ILE C 84 23.81 7.66 -5.01
N PRO C 85 23.55 6.60 -5.80
CA PRO C 85 23.16 6.72 -7.21
C PRO C 85 21.71 7.21 -7.33
N LEU C 86 21.39 8.05 -8.33
CA LEU C 86 20.13 8.81 -8.41
C LEU C 86 19.11 8.31 -9.46
N ASP C 87 19.40 7.25 -10.22
CA ASP C 87 18.55 6.85 -11.35
C ASP C 87 17.26 6.13 -10.87
N ILE C 88 16.15 6.86 -10.80
CA ILE C 88 14.92 6.42 -10.12
C ILE C 88 14.16 5.27 -10.79
N GLN C 89 14.51 4.90 -12.04
CA GLN C 89 14.01 3.70 -12.73
C GLN C 89 14.74 2.41 -12.36
N LEU C 90 16.00 2.46 -11.95
CA LEU C 90 16.83 1.26 -11.78
C LEU C 90 16.75 0.70 -10.35
N ASP C 91 17.20 -0.54 -10.15
CA ASP C 91 17.42 -1.09 -8.80
C ASP C 91 18.56 -0.34 -8.09
N GLY C 92 18.42 -0.12 -6.79
CA GLY C 92 19.32 0.69 -5.96
C GLY C 92 18.59 1.30 -4.75
N PRO C 93 19.28 2.07 -3.91
CA PRO C 93 18.72 2.63 -2.68
C PRO C 93 17.37 3.35 -2.81
N LEU C 94 17.05 3.92 -3.97
CA LEU C 94 15.81 4.64 -4.22
C LEU C 94 14.62 3.75 -4.65
N ARG C 95 14.84 2.49 -5.06
CA ARG C 95 13.83 1.68 -5.76
C ARG C 95 12.62 1.33 -4.91
N ASN C 96 12.83 0.80 -3.70
CA ASN C 96 11.76 0.43 -2.77
C ASN C 96 11.34 1.61 -1.87
N THR C 97 10.84 2.67 -2.49
CA THR C 97 10.31 3.89 -1.86
C THR C 97 8.96 4.19 -2.49
N LEU C 98 8.14 5.06 -1.89
CA LEU C 98 6.85 5.43 -2.49
C LEU C 98 7.05 6.04 -3.90
N VAL C 99 7.99 6.98 -4.07
CA VAL C 99 8.31 7.56 -5.38
C VAL C 99 8.91 6.53 -6.35
N GLY C 100 9.81 5.65 -5.91
CA GLY C 100 10.41 4.59 -6.73
C GLY C 100 9.40 3.56 -7.24
N ASN C 101 8.57 3.00 -6.35
CA ASN C 101 7.57 1.99 -6.70
C ASN C 101 6.53 2.51 -7.69
N ILE C 102 5.92 3.68 -7.45
CA ILE C 102 4.94 4.27 -8.38
C ILE C 102 5.61 4.64 -9.72
N SER C 103 6.81 5.25 -9.72
CA SER C 103 7.48 5.63 -10.97
C SER C 103 7.75 4.44 -11.90
N ARG C 104 8.03 3.25 -11.37
CA ARG C 104 8.29 2.03 -12.16
C ARG C 104 7.05 1.40 -12.84
N TYR C 105 5.83 1.92 -12.64
CA TYR C 105 4.68 1.66 -13.54
C TYR C 105 4.66 2.58 -14.78
N TYR C 106 5.58 3.52 -14.92
CA TYR C 106 5.65 4.49 -16.02
C TYR C 106 7.02 4.45 -16.69
N THR C 107 7.22 5.21 -17.77
CA THR C 107 8.43 5.14 -18.61
C THR C 107 9.18 6.48 -18.71
N HIS C 108 8.48 7.61 -18.59
CA HIS C 108 9.05 8.96 -18.62
C HIS C 108 8.74 9.70 -17.31
N TRP C 109 9.66 10.55 -16.86
CA TRP C 109 9.49 11.36 -15.64
C TRP C 109 10.16 12.74 -15.75
N SER C 110 9.70 13.67 -14.93
CA SER C 110 10.22 15.04 -14.83
C SER C 110 9.95 15.65 -13.46
N GLY C 111 10.77 16.61 -13.02
CA GLY C 111 10.55 17.41 -11.80
C GLY C 111 11.61 17.21 -10.69
N SER C 112 11.51 18.02 -9.65
CA SER C 112 12.47 18.08 -8.56
C SER C 112 12.21 17.00 -7.50
N LEU C 113 13.28 16.54 -6.84
CA LEU C 113 13.25 15.59 -5.72
C LEU C 113 13.81 16.25 -4.45
N GLU C 114 13.42 15.78 -3.26
CA GLU C 114 14.06 16.18 -2.01
C GLU C 114 14.52 14.97 -1.20
N MET C 115 15.73 15.06 -0.66
CA MET C 115 16.26 14.12 0.32
C MET C 115 16.30 14.80 1.70
N THR C 116 15.79 14.13 2.71
CA THR C 116 15.83 14.60 4.10
C THR C 116 16.55 13.58 4.98
N PHE C 117 17.48 14.04 5.83
CA PHE C 117 18.26 13.17 6.74
C PHE C 117 17.96 13.50 8.22
N MET C 118 17.78 12.48 9.07
CA MET C 118 17.57 12.63 10.52
C MET C 118 18.77 12.06 11.31
N PHE C 119 19.34 12.84 12.22
CA PHE C 119 20.41 12.38 13.12
C PHE C 119 19.85 11.67 14.37
N CYS C 120 20.34 10.47 14.67
CA CYS C 120 19.85 9.62 15.76
C CYS C 120 20.92 9.30 16.82
N GLY C 121 21.96 10.12 16.98
CA GLY C 121 22.90 10.05 18.11
C GLY C 121 22.30 10.52 19.45
N SER C 122 23.10 10.57 20.51
CA SER C 122 22.68 11.10 21.82
C SER C 122 22.53 12.63 21.81
N PHE C 123 21.91 13.22 22.85
CA PHE C 123 21.82 14.68 22.98
C PHE C 123 23.19 15.35 23.11
N MET C 124 24.15 14.70 23.77
CA MET C 124 25.49 15.24 24.01
C MET C 124 26.44 15.16 22.79
N ALA C 125 26.09 14.46 21.71
CA ALA C 125 26.89 14.37 20.48
C ALA C 125 26.80 15.65 19.61
N THR C 126 27.91 16.08 19.01
CA THR C 126 27.99 17.25 18.10
C THR C 126 28.75 16.93 16.80
N GLY C 127 28.51 17.71 15.74
CA GLY C 127 29.19 17.56 14.45
C GLY C 127 28.60 18.44 13.34
N LYS C 128 29.33 18.58 12.23
CA LYS C 128 28.86 19.21 10.99
C LYS C 128 29.19 18.34 9.76
N LEU C 129 28.24 18.22 8.83
CA LEU C 129 28.36 17.48 7.57
C LEU C 129 28.10 18.40 6.37
N ILE C 130 28.61 18.04 5.19
CA ILE C 130 28.25 18.67 3.91
C ILE C 130 27.67 17.65 2.93
N LEU C 131 26.48 17.96 2.40
CA LEU C 131 25.74 17.13 1.46
C LEU C 131 25.76 17.79 0.07
N CYS C 132 26.25 17.09 -0.95
CA CYS C 132 26.44 17.63 -2.31
C CYS C 132 25.66 16.85 -3.38
N TYR C 133 25.07 17.55 -4.35
CA TYR C 133 24.53 17.02 -5.61
C TYR C 133 25.40 17.48 -6.80
N THR C 134 25.92 16.54 -7.58
CA THR C 134 26.74 16.81 -8.76
C THR C 134 25.97 16.49 -10.06
N PRO C 135 25.62 17.49 -10.91
CA PRO C 135 25.09 17.28 -12.26
C PRO C 135 25.96 16.34 -13.13
N PRO C 136 25.39 15.60 -14.08
CA PRO C 136 26.12 14.58 -14.85
C PRO C 136 27.20 15.15 -15.80
N GLY C 137 28.04 14.25 -16.30
CA GLY C 137 29.08 14.56 -17.30
C GLY C 137 30.35 13.72 -17.18
N GLY C 138 30.72 13.28 -15.98
CA GLY C 138 31.87 12.40 -15.72
C GLY C 138 31.76 11.62 -14.41
N SER C 139 32.89 11.19 -13.85
CA SER C 139 32.94 10.30 -12.67
C SER C 139 32.47 10.97 -11.37
N CYS C 140 31.91 10.18 -10.45
CA CYS C 140 31.50 10.66 -9.12
C CYS C 140 32.70 11.25 -8.34
N PRO C 141 32.60 12.43 -7.71
CA PRO C 141 33.72 13.05 -7.01
C PRO C 141 34.14 12.26 -5.76
N THR C 142 35.44 12.15 -5.51
CA THR C 142 36.03 11.40 -4.39
C THR C 142 36.62 12.29 -3.29
N THR C 143 36.69 13.61 -3.49
CA THR C 143 37.29 14.57 -2.54
C THR C 143 36.36 15.75 -2.24
N ARG C 144 36.41 16.30 -1.03
CA ARG C 144 35.52 17.40 -0.60
C ARG C 144 35.70 18.66 -1.46
N GLU C 145 36.94 19.03 -1.80
CA GLU C 145 37.20 20.22 -2.63
C GLU C 145 36.76 20.06 -4.10
N THR C 146 36.54 18.83 -4.59
CA THR C 146 35.83 18.61 -5.86
C THR C 146 34.32 18.71 -5.68
N ALA C 147 33.75 18.00 -4.69
CA ALA C 147 32.30 17.90 -4.50
C ALA C 147 31.61 19.24 -4.14
N MET C 148 32.26 20.11 -3.35
CA MET C 148 31.72 21.41 -2.93
C MET C 148 31.51 22.42 -4.09
N LEU C 149 32.03 22.17 -5.29
CA LEU C 149 31.78 23.00 -6.48
C LEU C 149 30.35 22.85 -7.04
N GLY C 150 29.64 21.76 -6.73
CA GLY C 150 28.25 21.52 -7.09
C GLY C 150 27.20 22.14 -6.14
N THR C 151 25.93 21.78 -6.34
CA THR C 151 24.83 22.17 -5.43
C THR C 151 25.05 21.52 -4.06
N HIS C 152 24.96 22.26 -2.96
CA HIS C 152 25.18 21.67 -1.61
C HIS C 152 24.51 22.43 -0.45
N VAL C 153 24.39 21.73 0.69
CA VAL C 153 24.02 22.30 1.99
C VAL C 153 25.01 21.84 3.07
N VAL C 154 25.42 22.76 3.95
CA VAL C 154 26.21 22.46 5.16
C VAL C 154 25.26 22.35 6.36
N TRP C 155 25.28 21.21 7.05
CA TRP C 155 24.37 20.83 8.13
C TRP C 155 25.05 20.83 9.50
N ASP C 156 24.52 21.58 10.46
CA ASP C 156 24.91 21.64 11.87
C ASP C 156 23.96 20.79 12.74
N PHE C 157 24.46 19.78 13.47
CA PHE C 157 23.62 19.04 14.43
C PHE C 157 23.20 19.94 15.61
N GLY C 158 21.93 19.87 16.04
CA GLY C 158 21.38 20.75 17.07
C GLY C 158 19.95 20.40 17.48
N LEU C 159 19.21 21.36 18.02
CA LEU C 159 17.85 21.14 18.54
C LEU C 159 16.85 20.72 17.44
N GLN C 160 16.96 21.26 16.22
CA GLN C 160 16.31 20.70 15.04
C GLN C 160 17.11 19.47 14.56
N SER C 161 16.46 18.31 14.50
CA SER C 161 17.07 16.99 14.27
C SER C 161 17.46 16.66 12.82
N SER C 162 16.96 17.43 11.84
CA SER C 162 16.87 16.99 10.44
C SER C 162 17.14 18.13 9.44
N VAL C 163 17.65 17.77 8.25
CA VAL C 163 17.99 18.71 7.15
C VAL C 163 17.49 18.22 5.80
N THR C 164 17.13 19.12 4.89
CA THR C 164 16.70 18.80 3.52
C THR C 164 17.71 19.26 2.47
N LEU C 165 18.09 18.37 1.55
CA LEU C 165 18.80 18.68 0.30
C LEU C 165 17.79 18.60 -0.87
N ILE C 166 17.62 19.69 -1.60
CA ILE C 166 16.85 19.72 -2.84
C ILE C 166 17.73 19.24 -3.99
N ILE C 167 17.24 18.30 -4.79
CA ILE C 167 17.82 17.91 -6.08
C ILE C 167 16.96 18.59 -7.17
N PRO C 168 17.36 19.78 -7.68
CA PRO C 168 16.56 20.54 -8.63
C PRO C 168 16.50 19.83 -9.99
N TRP C 169 15.40 19.99 -10.72
CA TRP C 169 15.34 19.50 -12.10
C TRP C 169 16.29 20.29 -13.00
N ILE C 170 17.37 19.64 -13.45
CA ILE C 170 18.37 20.19 -14.38
C ILE C 170 18.55 19.15 -15.50
N SER C 171 17.94 19.41 -16.64
CA SER C 171 17.86 18.48 -17.79
C SER C 171 17.81 19.26 -19.10
N GLY C 172 18.43 18.74 -20.16
CA GLY C 172 18.32 19.33 -21.50
C GLY C 172 16.92 19.19 -22.08
N SER C 173 16.34 17.99 -22.01
CA SER C 173 14.98 17.63 -22.48
C SER C 173 13.91 17.79 -21.38
N HIS C 174 12.65 18.01 -21.77
CA HIS C 174 11.48 18.15 -20.86
C HIS C 174 11.30 16.95 -19.91
N TYR C 175 11.53 15.74 -20.38
CA TYR C 175 11.47 14.47 -19.62
C TYR C 175 12.80 13.72 -19.70
N ARG C 176 13.11 12.91 -18.67
CA ARG C 176 14.07 11.80 -18.76
C ARG C 176 13.34 10.49 -19.04
N MET C 177 14.08 9.51 -19.55
CA MET C 177 13.54 8.34 -20.22
C MET C 177 14.14 7.03 -19.69
N PHE C 178 13.27 6.08 -19.34
CA PHE C 178 13.67 4.76 -18.90
C PHE C 178 14.03 3.86 -20.10
N ASN C 179 15.27 3.97 -20.55
CA ASN C 179 15.99 2.88 -21.21
C ASN C 179 16.43 1.85 -20.16
N ASN C 180 16.97 0.72 -20.59
CA ASN C 180 17.75 -0.18 -19.73
C ASN C 180 19.27 0.13 -19.83
N ASP C 181 19.63 1.41 -19.88
CA ASP C 181 21.01 1.90 -20.02
C ASP C 181 21.27 3.08 -19.07
N ALA C 182 21.96 2.82 -17.97
CA ALA C 182 22.30 3.80 -16.94
C ALA C 182 23.22 4.96 -17.41
N LYS C 183 23.96 4.79 -18.51
CA LYS C 183 24.94 5.78 -19.00
C LYS C 183 24.44 6.63 -20.18
N SER C 184 23.18 6.50 -20.55
CA SER C 184 22.49 7.31 -21.58
C SER C 184 22.41 8.80 -21.20
N THR C 185 22.60 9.69 -22.18
CA THR C 185 22.33 11.13 -22.01
C THR C 185 20.84 11.46 -21.82
N ASN C 186 19.91 10.54 -22.11
CA ASN C 186 18.48 10.70 -21.82
C ASN C 186 18.04 10.16 -20.44
N ALA C 187 18.94 9.50 -19.68
CA ALA C 187 18.58 8.83 -18.42
C ALA C 187 19.39 9.27 -17.18
N ASN C 188 20.71 9.48 -17.29
CA ASN C 188 21.56 9.68 -16.10
C ASN C 188 21.29 11.02 -15.38
N VAL C 189 21.18 11.00 -14.05
CA VAL C 189 20.81 12.17 -13.20
C VAL C 189 22.02 12.84 -12.51
N GLY C 190 23.17 12.16 -12.44
CA GLY C 190 24.33 12.57 -11.62
C GLY C 190 24.42 11.82 -10.29
N TYR C 191 25.00 12.44 -9.25
CA TYR C 191 25.35 11.77 -7.99
C TYR C 191 25.02 12.59 -6.74
N VAL C 192 24.76 11.94 -5.61
CA VAL C 192 24.80 12.56 -4.26
C VAL C 192 25.96 11.98 -3.43
N THR C 193 26.72 12.84 -2.76
CA THR C 193 27.85 12.49 -1.87
C THR C 193 27.76 13.20 -0.52
N CYS C 194 28.23 12.57 0.55
CA CYS C 194 28.30 13.15 1.89
C CYS C 194 29.72 13.11 2.48
N PHE C 195 30.22 14.24 3.00
CA PHE C 195 31.54 14.38 3.63
C PHE C 195 31.43 14.97 5.06
N MET C 196 32.42 14.70 5.91
CA MET C 196 32.64 15.47 7.14
C MET C 196 32.99 16.94 6.82
N GLN C 197 32.28 17.90 7.42
CA GLN C 197 32.64 19.32 7.39
C GLN C 197 33.54 19.68 8.60
N THR C 198 33.27 19.09 9.77
CA THR C 198 34.16 19.10 10.95
C THR C 198 34.48 17.66 11.37
N ASN C 199 33.98 17.18 12.50
CA ASN C 199 34.12 15.80 13.00
C ASN C 199 32.93 15.46 13.91
N LEU C 200 32.59 14.17 14.08
CA LEU C 200 31.67 13.71 15.14
C LEU C 200 32.40 13.71 16.49
N ILE C 201 31.97 14.54 17.44
CA ILE C 201 32.63 14.72 18.74
C ILE C 201 31.62 14.44 19.87
N VAL C 202 31.94 13.47 20.73
CA VAL C 202 31.07 12.93 21.80
C VAL C 202 31.85 12.74 23.12
N PRO C 203 31.22 12.83 24.30
CA PRO C 203 31.87 12.53 25.57
C PRO C 203 31.94 11.02 25.85
N SER C 204 32.77 10.61 26.81
CA SER C 204 33.04 9.19 27.12
C SER C 204 31.82 8.34 27.48
N GLU C 205 30.74 8.90 28.04
CA GLU C 205 29.52 8.15 28.42
C GLU C 205 28.49 8.02 27.28
N SER C 206 28.62 8.78 26.19
CA SER C 206 27.83 8.55 24.96
C SER C 206 28.38 7.37 24.15
N SER C 207 27.54 6.72 23.34
CA SER C 207 27.99 5.77 22.32
C SER C 207 28.99 6.43 21.35
N ASP C 208 30.11 5.77 21.05
CA ASP C 208 31.15 6.31 20.13
C ASP C 208 30.72 6.26 18.64
N THR C 209 29.61 5.59 18.32
CA THR C 209 29.08 5.41 16.97
C THR C 209 27.61 5.82 16.94
N CYS C 210 27.21 6.66 15.98
CA CYS C 210 25.87 7.25 15.86
C CYS C 210 25.30 6.99 14.46
N SER C 211 23.99 7.06 14.28
CA SER C 211 23.33 6.66 13.01
C SER C 211 22.50 7.77 12.35
N LEU C 212 22.47 7.76 11.02
CA LEU C 212 21.58 8.54 10.15
C LEU C 212 20.49 7.65 9.52
N ILE C 213 19.25 8.14 9.45
CA ILE C 213 18.19 7.60 8.58
C ILE C 213 17.94 8.61 7.44
N GLY C 214 18.00 8.16 6.18
CA GLY C 214 17.73 9.00 5.00
C GLY C 214 16.35 8.73 4.37
N PHE C 215 15.65 9.79 3.97
CA PHE C 215 14.32 9.77 3.36
C PHE C 215 14.31 10.49 2.00
N ILE C 216 13.42 10.08 1.08
CA ILE C 216 13.21 10.74 -0.22
C ILE C 216 11.72 10.97 -0.55
N ALA C 217 11.41 12.06 -1.26
CA ALA C 217 10.09 12.34 -1.87
C ALA C 217 10.19 13.22 -3.13
N ALA C 218 9.14 13.24 -3.95
CA ALA C 218 8.99 14.22 -5.04
C ALA C 218 8.37 15.55 -4.56
N LYS C 219 8.72 16.66 -5.21
CA LYS C 219 8.01 17.96 -5.07
C LYS C 219 6.75 18.00 -5.94
N ASP C 220 5.90 19.02 -5.79
CA ASP C 220 4.68 19.20 -6.61
C ASP C 220 4.91 19.81 -8.02
N ASP C 221 6.17 19.90 -8.48
CA ASP C 221 6.53 20.07 -9.90
C ASP C 221 6.74 18.73 -10.65
N PHE C 222 6.56 17.57 -10.00
CA PHE C 222 6.81 16.23 -10.56
C PHE C 222 5.68 15.70 -11.46
N SER C 223 6.01 14.93 -12.50
CA SER C 223 5.06 14.34 -13.45
C SER C 223 5.58 12.99 -14.02
N LEU C 224 4.66 12.08 -14.37
CA LEU C 224 4.92 10.73 -14.93
C LEU C 224 4.06 10.47 -16.17
N ARG C 225 4.57 9.71 -17.15
CA ARG C 225 3.79 9.29 -18.34
C ARG C 225 4.29 7.99 -19.01
N LEU C 226 3.45 7.46 -19.91
CA LEU C 226 3.61 6.21 -20.66
C LEU C 226 3.61 4.96 -19.75
N MET C 227 2.42 4.56 -19.31
CA MET C 227 2.22 3.44 -18.38
C MET C 227 2.66 2.08 -18.95
N ARG C 228 3.19 1.18 -18.10
CA ARG C 228 3.69 -0.15 -18.43
C ARG C 228 3.51 -1.15 -17.28
N ASP C 229 3.54 -2.46 -17.55
CA ASP C 229 3.56 -3.48 -16.48
C ASP C 229 4.81 -3.32 -15.58
N SER C 230 4.64 -3.35 -14.26
CA SER C 230 5.76 -3.15 -13.34
C SER C 230 6.77 -4.30 -13.37
N PRO C 231 8.09 -4.04 -13.41
CA PRO C 231 9.13 -5.06 -13.29
C PRO C 231 9.32 -5.60 -11.85
N ASP C 232 8.67 -5.04 -10.84
CA ASP C 232 8.80 -5.46 -9.43
C ASP C 232 7.97 -6.70 -9.03
N ILE C 233 7.14 -7.27 -9.90
CA ILE C 233 6.33 -8.46 -9.61
C ILE C 233 6.22 -9.36 -10.86
N GLY C 234 6.06 -10.67 -10.64
CA GLY C 234 5.93 -11.65 -11.71
C GLY C 234 5.73 -13.07 -11.18
N GLN C 235 5.33 -13.99 -12.06
CA GLN C 235 5.10 -15.41 -11.71
C GLN C 235 5.53 -16.32 -12.87
N LEU C 236 5.98 -17.53 -12.55
CA LEU C 236 6.30 -18.60 -13.50
C LEU C 236 5.27 -19.75 -13.47
N ASP C 237 4.40 -19.78 -12.47
CA ASP C 237 3.41 -20.81 -12.17
C ASP C 237 2.11 -20.20 -11.62
N HIS C 238 1.03 -20.99 -11.58
CA HIS C 238 -0.14 -20.67 -10.76
C HIS C 238 0.23 -20.68 -9.27
N LEU C 239 -0.39 -19.80 -8.47
CA LEU C 239 -0.20 -19.74 -7.02
C LEU C 239 -0.81 -20.97 -6.31
N HIS C 240 -0.43 -21.20 -5.06
CA HIS C 240 -1.09 -22.21 -4.23
C HIS C 240 -2.59 -21.92 -4.06
N ALA C 241 -3.40 -22.99 -4.02
CA ALA C 241 -4.86 -22.98 -3.94
C ALA C 241 -5.59 -22.34 -5.15
N ALA C 242 -4.93 -22.03 -6.26
CA ALA C 242 -5.57 -21.45 -7.45
C ALA C 242 -6.60 -22.39 -8.10
N GLU C 243 -6.42 -23.72 -8.04
CA GLU C 243 -7.40 -24.69 -8.55
C GLU C 243 -8.73 -24.67 -7.78
N ALA C 244 -8.73 -24.23 -6.51
CA ALA C 244 -9.92 -24.19 -5.68
C ALA C 244 -11.00 -23.22 -6.21
N ALA C 245 -10.64 -22.20 -7.02
CA ALA C 245 -11.63 -21.32 -7.65
C ALA C 245 -12.51 -22.04 -8.69
N TYR C 246 -12.10 -23.23 -9.15
CA TYR C 246 -12.81 -24.09 -10.11
C TYR C 246 -13.53 -25.28 -9.43
N GLN C 247 -13.65 -25.27 -8.11
CA GLN C 247 -14.29 -26.31 -7.28
C GLN C 247 -15.54 -25.79 -6.52
N GLN D 1 -19.78 10.88 -26.42
CA GLN D 1 -20.12 9.80 -25.48
C GLN D 1 -21.51 9.21 -25.80
N ILE D 2 -21.60 7.91 -26.09
CA ILE D 2 -22.84 7.24 -26.54
C ILE D 2 -23.28 6.17 -25.52
N ASN D 3 -24.48 6.30 -24.96
CA ASN D 3 -25.07 5.35 -24.02
C ASN D 3 -26.60 5.29 -24.16
N PHE D 4 -27.10 4.20 -24.73
CA PHE D 4 -28.54 3.93 -24.89
C PHE D 4 -29.10 2.94 -23.85
N TYR D 5 -28.32 2.49 -22.87
CA TYR D 5 -28.79 1.58 -21.81
C TYR D 5 -29.57 2.34 -20.72
N LYS D 6 -30.52 1.67 -20.05
CA LYS D 6 -31.37 2.29 -19.01
C LYS D 6 -30.72 2.43 -17.64
N ASP D 7 -29.74 1.61 -17.27
CA ASP D 7 -29.07 1.66 -15.97
C ASP D 7 -27.76 2.48 -16.07
N SER D 8 -27.57 3.46 -15.18
CA SER D 8 -26.42 4.40 -15.27
C SER D 8 -25.05 3.72 -15.09
N TYR D 9 -24.97 2.61 -14.37
CA TYR D 9 -23.72 1.86 -14.18
C TYR D 9 -23.19 1.22 -15.49
N ALA D 10 -23.99 1.12 -16.55
CA ALA D 10 -23.55 0.66 -17.88
C ALA D 10 -22.57 1.60 -18.61
N ALA D 11 -22.50 2.88 -18.21
CA ALA D 11 -21.77 3.95 -18.90
C ALA D 11 -20.24 3.73 -19.04
N SER D 12 -19.61 4.50 -19.93
CA SER D 12 -18.15 4.54 -20.11
C SER D 12 -17.40 5.11 -18.88
N ALA D 13 -16.07 5.04 -18.83
CA ALA D 13 -15.25 5.48 -17.69
C ALA D 13 -15.33 7.00 -17.38
N SER D 14 -15.02 7.39 -16.15
CA SER D 14 -15.09 8.78 -15.65
C SER D 14 -13.70 9.37 -15.35
N LYS D 15 -13.12 10.09 -16.31
CA LYS D 15 -11.70 10.52 -16.35
C LYS D 15 -11.49 12.03 -16.11
N GLN D 16 -12.39 12.70 -15.37
CA GLN D 16 -12.46 14.17 -15.30
C GLN D 16 -12.47 14.77 -13.87
N ASP D 17 -12.16 14.03 -12.80
CA ASP D 17 -12.01 14.61 -11.46
C ASP D 17 -10.55 14.97 -11.15
N PHE D 18 -10.19 16.24 -11.38
CA PHE D 18 -8.85 16.78 -11.15
C PHE D 18 -8.61 17.32 -9.71
N SER D 19 -9.56 17.15 -8.79
CA SER D 19 -9.38 17.63 -7.40
C SER D 19 -8.34 16.78 -6.63
N GLN D 20 -7.51 17.42 -5.81
CA GLN D 20 -6.49 16.79 -4.95
C GLN D 20 -6.46 17.42 -3.55
N ASP D 21 -5.97 16.69 -2.54
CA ASP D 21 -5.47 17.27 -1.29
C ASP D 21 -4.33 16.43 -0.70
N PRO D 22 -3.08 16.65 -1.12
CA PRO D 22 -1.91 15.94 -0.59
C PRO D 22 -1.75 16.06 0.94
N SER D 23 -2.21 17.17 1.54
CA SER D 23 -1.96 17.48 2.95
C SER D 23 -2.55 16.47 3.94
N LYS D 24 -3.57 15.69 3.57
CA LYS D 24 -4.08 14.59 4.43
C LYS D 24 -3.06 13.46 4.62
N PHE D 25 -2.05 13.36 3.76
CA PHE D 25 -0.94 12.41 3.88
C PHE D 25 0.39 13.11 4.21
N THR D 26 0.65 14.32 3.70
CA THR D 26 1.93 15.03 3.90
C THR D 26 1.99 15.91 5.16
N GLU D 27 0.87 16.43 5.67
CA GLU D 27 0.82 17.36 6.81
C GLU D 27 -0.35 17.07 7.80
N PRO D 28 -0.51 15.84 8.34
CA PRO D 28 -1.62 15.46 9.23
C PRO D 28 -1.44 15.93 10.70
N VAL D 29 -0.86 17.11 10.93
CA VAL D 29 -0.53 17.65 12.28
C VAL D 29 -1.20 19.00 12.55
N VAL D 30 -1.43 19.33 13.83
CA VAL D 30 -2.09 20.58 14.28
C VAL D 30 -1.30 21.84 13.91
N ASN E 1 -16.19 -23.70 -2.20
CA ASN E 1 -14.73 -23.48 -2.06
C ASN E 1 -14.48 -22.35 -1.06
N LEU E 2 -13.22 -22.15 -0.64
CA LEU E 2 -12.84 -21.18 0.39
C LEU E 2 -13.18 -19.71 0.07
N LEU E 3 -13.24 -19.31 -1.20
CA LEU E 3 -13.59 -17.93 -1.58
C LEU E 3 -15.09 -17.62 -1.38
N GLU E 4 -15.96 -18.63 -1.44
CA GLU E 4 -17.39 -18.46 -1.19
C GLU E 4 -17.76 -18.60 0.29
N THR E 5 -17.04 -19.41 1.07
CA THR E 5 -17.47 -19.79 2.44
C THR E 5 -16.50 -19.46 3.56
N ARG E 6 -15.23 -19.13 3.26
CA ARG E 6 -14.13 -18.97 4.24
C ARG E 6 -13.94 -20.14 5.23
N LEU E 7 -14.29 -21.36 4.82
CA LEU E 7 -14.02 -22.62 5.50
C LEU E 7 -13.07 -23.51 4.67
N ASN E 8 -12.16 -24.23 5.31
CA ASN E 8 -11.20 -25.11 4.63
C ASN E 8 -11.66 -26.58 4.60
N VAL E 9 -12.27 -26.99 3.48
CA VAL E 9 -12.86 -28.32 3.15
C VAL E 9 -13.87 -28.85 4.18
C1 NAG F . -6.33 -26.13 4.30
C2 NAG F . -5.06 -25.25 4.29
C3 NAG F . -3.87 -26.05 3.73
C4 NAG F . -3.74 -27.45 4.36
C5 NAG F . -5.07 -28.21 4.33
C6 NAG F . -5.01 -29.59 5.00
C7 NAG F . -5.18 -22.80 3.96
C8 NAG F . -5.49 -21.66 2.98
N2 NAG F . -5.28 -24.04 3.48
O3 NAG F . -2.61 -25.34 3.91
O4 NAG F . -2.77 -28.19 3.55
O5 NAG F . -6.09 -27.39 4.99
O6 NAG F . -4.54 -29.48 6.39
O7 NAG F . -4.87 -22.57 5.12
H1 NAG F . -6.60 -26.35 3.27
H2 NAG F . -4.83 -24.98 5.33
H3 NAG F . -4.03 -26.18 2.65
H4 NAG F . -3.39 -27.34 5.38
H5 NAG F . -5.37 -28.36 3.30
H61 NAG F . -6.00 -30.04 4.98
H62 NAG F . -4.34 -30.24 4.43
H81 NAG F . -4.94 -20.77 3.26
H82 NAG F . -6.56 -21.45 3.00
H83 NAG F . -5.21 -21.96 1.96
HN2 NAG F . -5.54 -24.17 2.53
HO3 NAG F . -1.92 -25.89 3.55
C1 NAG F . -1.63 -28.74 4.29
C2 NAG F . -0.91 -29.82 3.42
C3 NAG F . 0.41 -30.26 4.08
C4 NAG F . 1.27 -29.04 4.42
C5 NAG F . 0.51 -28.09 5.34
C6 NAG F . 1.34 -26.89 5.79
C7 NAG F . -2.49 -31.18 2.13
C8 NAG F . -3.29 -32.48 2.09
N2 NAG F . -1.77 -30.98 3.23
O3 NAG F . 1.15 -31.14 3.20
O4 NAG F . 2.46 -29.52 5.16
O5 NAG F . -0.71 -27.65 4.63
O6 NAG F . 1.80 -26.10 4.67
O7 NAG F . -2.51 -30.36 1.21
H1 NAG F . -1.99 -29.21 5.20
H2 NAG F . -0.68 -29.37 2.45
H3 NAG F . 0.19 -30.80 5.00
H4 NAG F . 1.57 -28.53 3.51
H5 NAG F . 0.21 -28.63 6.23
H61 NAG F . 0.76 -26.26 6.46
H62 NAG F . 2.21 -27.23 6.35
H81 NAG F . -4.08 -32.46 2.84
H82 NAG F . -3.75 -32.61 1.10
H83 NAG F . -2.64 -33.33 2.28
HN2 NAG F . -1.76 -31.71 3.94
HO3 NAG F . 2.03 -31.26 3.53
HO6 NAG F . 2.26 -25.33 5.02
C1 BMA F . 3.70 -29.55 4.39
C2 BMA F . 4.85 -29.27 5.37
C3 BMA F . 6.18 -29.44 4.65
C4 BMA F . 6.32 -30.86 4.06
C5 BMA F . 5.15 -31.13 3.09
C6 BMA F . 5.14 -32.58 2.57
O2 BMA F . 4.76 -30.18 6.50
O3 BMA F . 7.26 -29.02 5.58
O4 BMA F . 7.57 -30.96 3.37
O5 BMA F . 3.86 -30.88 3.78
O6 BMA F . 4.18 -32.69 1.45
H1 BMA F . 3.68 -28.79 3.62
H2 BMA F . 4.75 -28.25 5.74
H3 BMA F . 6.18 -28.73 3.82
H4 BMA F . 6.29 -31.61 4.85
H5 BMA F . 5.24 -30.46 2.23
H61 BMA F . 6.12 -32.87 2.23
H62 BMA F . 4.84 -33.26 3.38
HO2 BMA F . 3.85 -30.22 6.78
HO4 BMA F . 8.28 -30.69 3.96
C1 MAN F . 7.99 -30.00 6.38
C2 MAN F . 8.10 -29.49 7.85
C3 MAN F . 9.03 -28.28 7.93
C4 MAN F . 10.39 -28.56 7.29
C5 MAN F . 10.22 -29.00 5.83
C6 MAN F . 11.54 -29.33 5.14
O2 MAN F . 8.62 -30.54 8.71
O3 MAN F . 9.21 -27.93 9.34
O4 MAN F . 11.17 -27.34 7.35
O5 MAN F . 9.32 -30.20 5.77
O6 MAN F . 11.32 -29.65 3.76
H1 MAN F . 7.45 -30.95 6.40
H2 MAN F . 7.10 -29.21 8.20
H3 MAN F . 8.57 -27.42 7.42
H4 MAN F . 10.92 -29.34 7.85
H5 MAN F . 9.75 -28.18 5.28
H61 MAN F . 12.22 -28.48 5.20
H62 MAN F . 12.02 -30.18 5.64
HO2 MAN F . 7.99 -31.26 8.77
HO3 MAN F . 9.24 -28.76 9.81
HO4 MAN F . 11.09 -26.99 8.25
HO6 MAN F . 10.87 -30.50 3.72
C1 MAN F . 4.12 -34.05 0.90
C2 MAN F . 3.43 -34.02 -0.49
C3 MAN F . 1.93 -33.73 -0.35
C4 MAN F . 1.24 -34.70 0.63
C5 MAN F . 1.94 -34.68 2.00
C6 MAN F . 1.36 -35.70 2.98
O2 MAN F . 3.58 -35.30 -1.17
O3 MAN F . 1.33 -33.87 -1.67
O4 MAN F . -0.13 -34.28 0.78
O5 MAN F . 3.40 -34.95 1.82
O6 MAN F . 1.99 -35.57 4.28
H1 MAN F . 5.13 -34.41 0.77
H2 MAN F . 3.88 -33.24 -1.09
H3 MAN F . 1.79 -32.70 0.00
H4 MAN F . 1.27 -35.71 0.22
H5 MAN F . 1.84 -33.68 2.44
H61 MAN F . 0.28 -35.56 3.09
H62 MAN F . 1.53 -36.72 2.61
HO2 MAN F . 4.52 -35.47 -1.32
HO3 MAN F . 1.79 -34.59 -2.09
HO4 MAN F . -0.47 -34.12 -0.11
HO6 MAN F . 1.62 -36.24 4.86
C1 FUC F . -4.26 -30.79 7.00
C2 FUC F . -3.77 -30.61 8.46
C3 FUC F . -4.92 -30.14 9.36
C4 FUC F . -6.13 -31.10 9.29
C5 FUC F . -6.59 -31.20 7.82
C6 FUC F . -7.76 -32.15 7.57
O2 FUC F . -2.71 -29.61 8.50
O3 FUC F . -4.47 -29.99 10.74
O4 FUC F . -5.74 -32.42 9.76
O5 FUC F . -5.46 -31.65 6.96
H1 FUC F . -3.47 -31.28 6.43
H2 FUC F . -3.38 -31.56 8.82
H3 FUC F . -5.26 -29.16 9.01
H4 FUC F . -6.95 -30.72 9.91
H5 FUC F . -6.90 -30.21 7.49
H61 FUC F . -8.06 -32.11 6.52
H62 FUC F . -8.63 -31.87 8.17
H63 FUC F . -7.50 -33.18 7.79
HO2 FUC F . -3.03 -28.82 8.07
HO3 FUC F . -3.61 -29.56 10.72
HO4 FUC F . -6.52 -32.96 9.85
NA NA G . 1.80 24.78 -14.22
NA NA H . 1.07 -3.68 5.28
NA NA I . 17.65 3.81 -18.85
#